data_8QEE
#
_entry.id   8QEE
#
_cell.length_a   1.00
_cell.length_b   1.00
_cell.length_c   1.00
_cell.angle_alpha   90.00
_cell.angle_beta   90.00
_cell.angle_gamma   90.00
#
_symmetry.space_group_name_H-M   'P 1'
#
loop_
_entity.id
_entity.type
_entity.pdbx_description
1 polymer 'NPC intracellular sterol transporter 1-related protein 1'
2 branched 2-acetamido-2-deoxy-beta-D-glucopyranose-(1-4)-2-acetamido-2-deoxy-beta-D-glucopyranose
3 non-polymer 'CHOLESTEROL HEMISUCCINATE'
4 non-polymer 2-acetamido-2-deoxy-beta-D-glucopyranose
5 water water
#
_entity_poly.entity_id   1
_entity_poly.type   'polypeptide(L)'
_entity_poly.pdbx_seq_one_letter_code
;MNVLWIIALVGQLMRLVQGTATCAMYGNCGKKSVFGNELPCPVPRSFEPPVLSDETSKLLVEVCGEEWKEVRYACCTKDQ
VVALRDNLQKAQPLISSCPACLKNFNNLFCHFTCAADQGRFVNITKVEKSKEDKDIVAELDVFMNSSWASEFYDSCKNIK
FSATNGYAMDLIGGGAKNYSQFLKFLGDAKPMLGGSPFQINYKYDLANEEKEWQEFNDEVYACDDAQYKCACSDCQESCP
HLKPLKDGVCKVGPLPCFSLSVLIFYTICALFAFMWYYLCKRKKNGAMIVDDDIVPESGSLDESETNVFESFNNETNFFN
GKLANLFTKVGQFSVENPYKILITTVFSIFVFSFIIFQYATLETDPINLWVSKNSEKFKEKEYFDDNFGPFYRTEQIFVV
NETGPVLSYETLHWWFDVENFITEELQSSENIGYQDLCFRPTEDSTCVIESFTQYFQGALPNKDSWKRELQECGKFPVNC
LPTFQQPLKTNLLFSDDDILNAHAFVVTLLLTNHTQSANRWEERLEEYLLDLKVPEGLRISFNTEISLEKELNNNNDIST
VAISYLMMFLYATWALRRKDGKTRLLLGISGLLIVLASIVCAAGFLTLFGLKSTLIIAEVIPFLILAIGIDNIFLITHEY
DRNCEQKPEYSIDQKIISAIGRMSPSILMSLLCQTGCFLIAAFVTMPAVHNFAIYSTVSVIFNGVLQLTAYVSILSLYEK
RSNYKQITGNEETKESFLKTFYFKMLTQKRLIIIIFSAWFFTSLVFLPEIQFGLDQTLAVPQDSYLVDYFKDVYSFLNVG
PPVYMVVKNLDLTKRQNQQKICGKFTTCERDSLANVLEQERHRSTITEPLANWLDDYFMFLNPQNDQCCRLKKGTDEVCP
PSFPSRRCETCFQQGSWNYNMSGFPEGKDFMEYLSIWINAPSDPCPLGGRAPYSTALVYNETSVSASVFRTAHHPLRSQK
DFIQAYSDGVRISSSFPELDMFAYSPFYIFFVQYQTLGPLTLKLIGSAIILIFFISSVFLQNIRSSFLLALVVTMIIVDI
GALMALLGISLNAVSLVNLIICVGLGVEFCVHIVRSFTVVPSETKKDANSRVLYSLNTIGESVIKGITLTKFIGVCVLAF
AQSKIFDVFYFRMWFTLIIVAALHALLFLPALLSLFGGESYRDDSIEAED
;
_entity_poly.pdbx_strand_id   A
#
# COMPACT_ATOMS: atom_id res chain seq x y z
N ALA A 324 -8.15 31.56 20.58
CA ALA A 324 -7.30 31.28 21.77
C ALA A 324 -8.12 31.42 23.05
N ASN A 325 -9.05 32.37 23.06
CA ASN A 325 -9.88 32.59 24.24
C ASN A 325 -11.09 31.66 24.30
N LEU A 326 -11.40 30.94 23.21
CA LEU A 326 -12.52 30.01 23.25
C LEU A 326 -12.23 28.83 24.17
N PHE A 327 -10.97 28.38 24.23
CA PHE A 327 -10.60 27.32 25.15
C PHE A 327 -10.81 27.78 26.60
N THR A 328 -10.42 29.01 26.92
CA THR A 328 -10.69 29.53 28.25
C THR A 328 -12.19 29.66 28.49
N LYS A 329 -12.93 30.13 27.47
CA LYS A 329 -14.38 30.19 27.59
C LYS A 329 -14.98 28.79 27.65
N VAL A 330 -14.44 27.86 26.87
CA VAL A 330 -14.94 26.49 26.88
C VAL A 330 -14.62 25.83 28.22
N GLY A 331 -13.39 25.98 28.70
CA GLY A 331 -13.03 25.40 29.98
C GLY A 331 -13.80 26.05 31.13
N GLN A 332 -14.00 27.37 31.05
CA GLN A 332 -14.77 28.05 32.08
C GLN A 332 -16.20 27.50 32.13
N PHE A 333 -16.81 27.29 30.96
CA PHE A 333 -18.16 26.72 30.92
C PHE A 333 -18.17 25.31 31.49
N SER A 334 -17.06 24.59 31.35
CA SER A 334 -17.03 23.19 31.79
C SER A 334 -16.98 23.09 33.31
N VAL A 335 -16.24 23.98 33.97
CA VAL A 335 -16.15 23.92 35.43
C VAL A 335 -17.49 24.27 36.07
N GLU A 336 -18.22 25.23 35.49
CA GLU A 336 -19.51 25.61 36.05
C GLU A 336 -20.59 24.58 35.76
N ASN A 337 -20.49 23.87 34.64
CA ASN A 337 -21.48 22.87 34.23
C ASN A 337 -20.76 21.55 33.94
N PRO A 338 -20.20 20.92 34.97
CA PRO A 338 -19.48 19.65 34.73
C PRO A 338 -20.41 18.48 34.47
N TYR A 339 -21.56 18.43 35.16
CA TYR A 339 -22.43 17.26 35.02
C TYR A 339 -23.13 17.24 33.67
N LYS A 340 -23.62 18.40 33.22
CA LYS A 340 -24.22 18.47 31.89
C LYS A 340 -23.20 18.15 30.81
N ILE A 341 -21.96 18.63 30.98
CA ILE A 341 -20.89 18.26 30.07
C ILE A 341 -20.63 16.76 30.14
N LEU A 342 -20.58 16.21 31.35
CA LEU A 342 -20.29 14.79 31.52
C LEU A 342 -21.47 13.94 31.04
N ILE A 343 -22.70 14.39 31.29
CA ILE A 343 -23.87 13.65 30.82
C ILE A 343 -23.93 13.67 29.30
N THR A 344 -23.67 14.83 28.70
CA THR A 344 -23.67 14.93 27.24
C THR A 344 -22.54 14.08 26.65
N THR A 345 -21.39 14.05 27.30
CA THR A 345 -20.26 13.27 26.79
C THR A 345 -20.61 11.79 26.71
N VAL A 346 -21.17 11.24 27.79
CA VAL A 346 -21.51 9.81 27.80
C VAL A 346 -22.65 9.55 26.83
N PHE A 347 -23.63 10.46 26.75
CA PHE A 347 -24.70 10.31 25.77
C PHE A 347 -24.13 10.37 24.36
N SER A 348 -23.21 11.30 24.10
CA SER A 348 -22.57 11.36 22.80
C SER A 348 -21.76 10.09 22.53
N ILE A 349 -21.02 9.61 23.53
CA ILE A 349 -20.27 8.37 23.36
C ILE A 349 -21.23 7.20 23.13
N PHE A 350 -22.32 7.14 23.89
CA PHE A 350 -23.26 6.04 23.77
C PHE A 350 -23.86 5.98 22.36
N VAL A 351 -24.26 7.13 21.82
CA VAL A 351 -24.87 7.16 20.50
C VAL A 351 -23.84 6.78 19.44
N PHE A 352 -22.62 7.33 19.54
CA PHE A 352 -21.58 7.00 18.58
C PHE A 352 -21.19 5.53 18.66
N SER A 353 -21.07 4.99 19.88
CA SER A 353 -20.78 3.58 20.02
C SER A 353 -21.92 2.73 19.45
N PHE A 354 -23.15 3.22 19.55
CA PHE A 354 -24.27 2.53 18.95
C PHE A 354 -24.17 2.54 17.42
N ILE A 355 -23.78 3.67 16.84
CA ILE A 355 -23.63 3.75 15.40
C ILE A 355 -22.56 2.79 14.92
N ILE A 356 -21.43 2.72 15.63
CA ILE A 356 -20.39 1.76 15.28
C ILE A 356 -20.93 0.34 15.40
N PHE A 357 -21.69 0.06 16.46
CA PHE A 357 -22.23 -1.27 16.66
C PHE A 357 -23.13 -1.69 15.49
N GLN A 358 -23.90 -0.73 14.96
CA GLN A 358 -24.89 -1.05 13.93
C GLN A 358 -24.35 -0.88 12.52
N TYR A 359 -23.88 0.33 12.18
CA TYR A 359 -23.62 0.70 10.79
C TYR A 359 -22.15 0.64 10.41
N ALA A 360 -21.26 0.26 11.32
CA ALA A 360 -19.84 0.24 11.00
C ALA A 360 -19.54 -0.85 9.98
N THR A 361 -18.68 -0.52 9.01
CA THR A 361 -18.24 -1.46 7.99
C THR A 361 -16.72 -1.41 7.89
N LEU A 362 -16.12 -2.57 7.63
CA LEU A 362 -14.68 -2.70 7.50
C LEU A 362 -14.33 -2.95 6.04
N GLU A 363 -13.45 -2.11 5.49
CA GLU A 363 -12.98 -2.27 4.12
C GLU A 363 -11.83 -3.26 4.11
N THR A 364 -11.99 -4.34 3.34
CA THR A 364 -10.99 -5.41 3.28
C THR A 364 -10.36 -5.60 1.92
N ASP A 365 -11.00 -5.17 0.84
CA ASP A 365 -10.48 -5.44 -0.49
C ASP A 365 -9.16 -4.70 -0.69
N PRO A 366 -8.09 -5.39 -1.10
CA PRO A 366 -6.81 -4.68 -1.29
C PRO A 366 -6.89 -3.54 -2.30
N ILE A 367 -7.67 -3.70 -3.36
CA ILE A 367 -7.81 -2.63 -4.34
C ILE A 367 -8.47 -1.41 -3.71
N ASN A 368 -9.51 -1.63 -2.91
CA ASN A 368 -10.18 -0.52 -2.23
C ASN A 368 -9.28 0.13 -1.18
N LEU A 369 -8.22 -0.55 -0.76
CA LEU A 369 -7.33 -0.04 0.28
C LEU A 369 -6.10 0.67 -0.28
N TRP A 370 -5.61 0.26 -1.44
CA TRP A 370 -4.34 0.74 -1.95
C TRP A 370 -4.43 1.45 -3.29
N VAL A 371 -5.55 1.35 -4.00
CA VAL A 371 -5.68 1.88 -5.35
C VAL A 371 -6.70 3.02 -5.34
N SER A 372 -6.29 4.17 -5.87
CA SER A 372 -7.21 5.28 -6.03
C SER A 372 -8.19 5.00 -7.17
N LYS A 373 -9.47 5.22 -6.92
CA LYS A 373 -10.49 5.02 -7.94
C LYS A 373 -10.36 6.03 -9.07
N ASN A 374 -9.68 7.14 -8.85
CA ASN A 374 -9.53 8.19 -9.84
C ASN A 374 -8.19 8.16 -10.55
N SER A 375 -7.39 7.13 -10.32
CA SER A 375 -6.10 7.01 -10.99
C SER A 375 -6.27 6.53 -12.43
N GLU A 376 -5.34 6.94 -13.29
CA GLU A 376 -5.42 6.54 -14.69
C GLU A 376 -5.30 5.02 -14.84
N LYS A 377 -4.43 4.40 -14.04
CA LYS A 377 -4.27 2.95 -14.13
C LYS A 377 -5.57 2.23 -13.75
N PHE A 378 -6.27 2.73 -12.73
CA PHE A 378 -7.53 2.12 -12.35
C PHE A 378 -8.55 2.22 -13.48
N LYS A 379 -8.66 3.39 -14.11
CA LYS A 379 -9.57 3.54 -15.23
C LYS A 379 -9.17 2.63 -16.38
N GLU A 380 -7.87 2.50 -16.64
CA GLU A 380 -7.41 1.59 -17.68
C GLU A 380 -7.72 0.14 -17.32
N LYS A 381 -7.66 -0.19 -16.03
CA LYS A 381 -8.07 -1.53 -15.59
C LYS A 381 -9.55 -1.75 -15.85
N GLU A 382 -10.38 -0.73 -15.62
CA GLU A 382 -11.80 -0.85 -15.90
C GLU A 382 -12.05 -1.12 -17.38
N TYR A 383 -11.35 -0.40 -18.26
CA TYR A 383 -11.52 -0.65 -19.69
C TYR A 383 -11.06 -2.05 -20.08
N PHE A 384 -9.91 -2.48 -19.54
CA PHE A 384 -9.43 -3.82 -19.84
C PHE A 384 -10.42 -4.88 -19.36
N ASP A 385 -10.97 -4.70 -18.16
CA ASP A 385 -11.92 -5.67 -17.63
C ASP A 385 -13.18 -5.72 -18.47
N ASP A 386 -13.69 -4.55 -18.89
CA ASP A 386 -14.94 -4.51 -19.63
C ASP A 386 -14.80 -5.14 -21.01
N ASN A 387 -13.66 -4.92 -21.68
CA ASN A 387 -13.50 -5.27 -23.09
C ASN A 387 -12.80 -6.59 -23.30
N PHE A 388 -11.82 -6.93 -22.45
CA PHE A 388 -11.06 -8.17 -22.58
C PHE A 388 -11.18 -9.02 -21.32
N GLY A 389 -12.27 -8.83 -20.57
CA GLY A 389 -12.52 -9.58 -19.36
C GLY A 389 -11.53 -9.23 -18.28
N PRO A 390 -11.90 -9.47 -17.02
CA PRO A 390 -10.92 -9.30 -15.94
C PRO A 390 -9.80 -10.32 -16.08
N PHE A 391 -8.60 -9.92 -15.66
CA PHE A 391 -7.47 -10.83 -15.74
C PHE A 391 -7.77 -12.09 -14.94
N TYR A 392 -7.17 -13.19 -15.38
CA TYR A 392 -7.46 -14.50 -14.77
C TYR A 392 -7.32 -14.42 -13.26
N ARG A 393 -8.19 -15.15 -12.57
CA ARG A 393 -8.01 -15.39 -11.14
C ARG A 393 -6.94 -16.46 -10.97
N THR A 394 -5.80 -16.08 -10.41
CA THR A 394 -4.61 -16.92 -10.42
C THR A 394 -4.42 -17.56 -9.04
N GLU A 395 -4.23 -18.88 -9.03
CA GLU A 395 -3.93 -19.64 -7.83
C GLU A 395 -2.58 -20.32 -8.07
N GLN A 396 -1.53 -19.78 -7.45
CA GLN A 396 -0.16 -20.24 -7.68
C GLN A 396 0.32 -21.03 -6.47
N ILE A 397 0.92 -22.19 -6.73
CA ILE A 397 1.44 -23.07 -5.68
C ILE A 397 2.91 -23.32 -5.97
N PHE A 398 3.74 -23.15 -4.94
CA PHE A 398 5.17 -23.48 -4.99
C PHE A 398 5.43 -24.73 -4.18
N VAL A 399 6.14 -25.69 -4.76
CA VAL A 399 6.60 -26.88 -4.06
C VAL A 399 8.12 -26.83 -4.05
N VAL A 400 8.71 -26.87 -2.85
CA VAL A 400 10.10 -26.48 -2.65
C VAL A 400 10.87 -27.61 -1.98
N ASN A 401 12.12 -27.75 -2.39
CA ASN A 401 13.12 -28.62 -1.76
C ASN A 401 14.28 -27.69 -1.41
N GLU A 402 14.25 -27.14 -0.19
CA GLU A 402 15.13 -26.03 0.16
C GLU A 402 16.60 -26.40 -0.02
N THR A 403 16.97 -27.63 0.32
CA THR A 403 18.36 -28.05 0.36
C THR A 403 18.80 -28.80 -0.89
N GLY A 404 17.97 -28.85 -1.93
CA GLY A 404 18.32 -29.57 -3.12
C GLY A 404 17.23 -29.56 -4.17
N PRO A 405 17.29 -30.51 -5.12
CA PRO A 405 16.28 -30.56 -6.18
C PRO A 405 14.97 -31.18 -5.69
N VAL A 406 13.86 -30.61 -6.17
CA VAL A 406 12.53 -31.04 -5.72
C VAL A 406 11.98 -32.20 -6.53
N LEU A 407 12.47 -32.43 -7.75
CA LEU A 407 11.87 -33.44 -8.61
C LEU A 407 12.37 -34.83 -8.24
N SER A 408 11.44 -35.69 -7.82
CA SER A 408 11.71 -37.10 -7.63
C SER A 408 10.41 -37.85 -7.83
N TYR A 409 10.52 -39.16 -8.11
CA TYR A 409 9.32 -39.95 -8.35
C TYR A 409 8.42 -39.97 -7.13
N GLU A 410 8.99 -39.88 -5.93
CA GLU A 410 8.17 -39.79 -4.73
C GLU A 410 7.38 -38.49 -4.71
N THR A 411 8.01 -37.38 -5.06
CA THR A 411 7.30 -36.10 -5.12
C THR A 411 6.40 -36.03 -6.35
N LEU A 412 6.83 -36.61 -7.47
CA LEU A 412 5.98 -36.65 -8.65
C LEU A 412 4.72 -37.48 -8.39
N HIS A 413 4.89 -38.64 -7.75
CA HIS A 413 3.73 -39.47 -7.43
C HIS A 413 2.79 -38.74 -6.47
N TRP A 414 3.35 -38.02 -5.49
CA TRP A 414 2.52 -37.29 -4.55
C TRP A 414 1.79 -36.14 -5.23
N TRP A 415 2.52 -35.32 -5.99
CA TRP A 415 1.91 -34.12 -6.55
C TRP A 415 0.95 -34.45 -7.68
N PHE A 416 1.21 -35.51 -8.44
CA PHE A 416 0.26 -35.91 -9.48
C PHE A 416 -1.09 -36.25 -8.87
N ASP A 417 -1.11 -36.96 -7.74
CA ASP A 417 -2.36 -37.26 -7.06
C ASP A 417 -3.00 -35.99 -6.51
N VAL A 418 -2.21 -35.16 -5.83
CA VAL A 418 -2.75 -33.94 -5.23
C VAL A 418 -3.20 -32.97 -6.31
N GLU A 419 -2.38 -32.80 -7.36
CA GLU A 419 -2.73 -31.85 -8.42
C GLU A 419 -4.02 -32.24 -9.11
N ASN A 420 -4.18 -33.53 -9.42
CA ASN A 420 -5.39 -33.97 -10.11
C ASN A 420 -6.61 -33.82 -9.23
N PHE A 421 -6.48 -34.07 -7.92
CA PHE A 421 -7.61 -33.91 -7.02
C PHE A 421 -8.08 -32.47 -6.97
N ILE A 422 -7.15 -31.52 -6.94
CA ILE A 422 -7.51 -30.12 -6.83
C ILE A 422 -8.33 -29.68 -8.03
N THR A 423 -7.93 -30.09 -9.23
CA THR A 423 -8.54 -29.60 -10.46
C THR A 423 -9.66 -30.49 -10.99
N GLU A 424 -9.93 -31.63 -10.35
CA GLU A 424 -10.92 -32.56 -10.88
C GLU A 424 -11.92 -33.03 -9.83
N GLU A 425 -11.51 -33.04 -8.56
CA GLU A 425 -12.34 -33.62 -7.49
C GLU A 425 -12.56 -32.70 -6.31
N LEU A 426 -11.94 -31.52 -6.28
CA LEU A 426 -12.03 -30.62 -5.12
C LEU A 426 -13.28 -29.76 -5.27
N GLN A 427 -14.42 -30.33 -4.87
CA GLN A 427 -15.66 -29.58 -4.82
C GLN A 427 -15.62 -28.56 -3.69
N SER A 428 -16.38 -27.49 -3.86
CA SER A 428 -16.30 -26.31 -3.01
C SER A 428 -17.50 -26.13 -2.09
N SER A 429 -18.38 -27.13 -1.99
CA SER A 429 -19.74 -26.88 -1.54
C SER A 429 -20.42 -26.07 -2.63
N GLU A 430 -21.72 -26.25 -2.81
CA GLU A 430 -22.43 -25.89 -4.05
C GLU A 430 -22.05 -26.83 -5.17
N ASN A 431 -21.19 -27.82 -4.93
CA ASN A 431 -20.75 -28.78 -5.95
C ASN A 431 -20.12 -28.06 -7.14
N ILE A 432 -19.31 -27.05 -6.85
CA ILE A 432 -18.60 -26.28 -7.87
C ILE A 432 -17.12 -26.59 -7.74
N GLY A 433 -16.54 -27.15 -8.81
CA GLY A 433 -15.16 -27.53 -8.84
C GLY A 433 -14.31 -26.63 -9.72
N TYR A 434 -13.10 -27.10 -10.03
CA TYR A 434 -12.20 -26.34 -10.89
C TYR A 434 -12.70 -26.33 -12.33
N GLN A 435 -13.32 -27.42 -12.77
CA GLN A 435 -13.78 -27.50 -14.16
C GLN A 435 -14.86 -26.47 -14.45
N ASP A 436 -15.64 -26.09 -13.43
CA ASP A 436 -16.70 -25.11 -13.61
C ASP A 436 -16.19 -23.67 -13.63
N LEU A 437 -14.93 -23.45 -13.24
CA LEU A 437 -14.39 -22.10 -13.12
C LEU A 437 -13.10 -21.88 -13.91
N CYS A 438 -12.50 -22.93 -14.46
CA CYS A 438 -11.18 -22.82 -15.06
C CYS A 438 -11.21 -22.03 -16.37
N PHE A 439 -10.06 -21.48 -16.73
CA PHE A 439 -9.87 -20.82 -18.01
C PHE A 439 -9.78 -21.87 -19.12
N ARG A 440 -10.52 -21.65 -20.20
CA ARG A 440 -10.48 -22.53 -21.37
C ARG A 440 -10.19 -21.67 -22.59
N PRO A 441 -9.11 -21.92 -23.33
CA PRO A 441 -8.83 -21.08 -24.51
C PRO A 441 -9.98 -21.07 -25.50
N THR A 442 -10.65 -22.20 -25.70
CA THR A 442 -11.83 -22.28 -26.54
C THR A 442 -12.90 -23.08 -25.80
N GLU A 443 -14.15 -22.91 -26.25
CA GLU A 443 -15.27 -23.54 -25.55
C GLU A 443 -15.13 -25.06 -25.51
N ASP A 444 -14.45 -25.65 -26.49
CA ASP A 444 -14.31 -27.09 -26.58
C ASP A 444 -12.95 -27.59 -26.09
N SER A 445 -12.18 -26.74 -25.41
CA SER A 445 -10.88 -27.12 -24.91
C SER A 445 -10.98 -27.58 -23.46
N THR A 446 -9.85 -27.97 -22.88
CA THR A 446 -9.78 -28.42 -21.51
C THR A 446 -9.32 -27.27 -20.61
N CYS A 447 -9.23 -27.55 -19.32
CA CYS A 447 -8.78 -26.55 -18.36
C CYS A 447 -7.30 -26.26 -18.54
N VAL A 448 -6.94 -24.98 -18.46
CA VAL A 448 -5.55 -24.57 -18.55
C VAL A 448 -4.91 -24.74 -17.17
N ILE A 449 -3.95 -25.64 -17.07
CA ILE A 449 -3.20 -25.87 -15.85
C ILE A 449 -1.72 -25.63 -16.16
N GLU A 450 -1.15 -24.59 -15.56
CA GLU A 450 0.26 -24.26 -15.79
C GLU A 450 1.08 -25.06 -14.78
N SER A 451 1.45 -26.27 -15.17
CA SER A 451 2.21 -27.16 -14.30
C SER A 451 3.01 -28.12 -15.17
N PHE A 452 4.07 -28.67 -14.58
CA PHE A 452 4.88 -29.66 -15.29
C PHE A 452 4.15 -30.99 -15.42
N THR A 453 3.14 -31.23 -14.59
CA THR A 453 2.34 -32.44 -14.74
C THR A 453 1.57 -32.45 -16.06
N GLN A 454 1.38 -31.28 -16.68
CA GLN A 454 0.68 -31.21 -17.95
C GLN A 454 1.56 -31.59 -19.13
N TYR A 455 2.87 -31.64 -18.95
CA TYR A 455 3.73 -32.20 -19.99
C TYR A 455 3.36 -33.64 -20.28
N PHE A 456 2.79 -34.34 -19.29
CA PHE A 456 2.33 -35.72 -19.44
C PHE A 456 0.82 -35.82 -19.47
N GLN A 457 0.12 -34.72 -19.79
CA GLN A 457 -1.34 -34.70 -19.84
C GLN A 457 -1.94 -35.11 -18.50
N GLY A 458 -1.32 -34.68 -17.41
CA GLY A 458 -1.81 -35.00 -16.09
C GLY A 458 -1.76 -36.47 -15.73
N ALA A 459 -1.02 -37.27 -16.49
CA ALA A 459 -0.88 -38.70 -16.23
C ALA A 459 0.53 -38.97 -15.72
N LEU A 460 0.61 -39.72 -14.62
CA LEU A 460 1.88 -39.98 -13.97
C LEU A 460 2.82 -40.69 -14.95
N PRO A 461 4.03 -40.16 -15.20
CA PRO A 461 4.94 -40.85 -16.12
C PRO A 461 5.51 -42.13 -15.54
N ASN A 462 6.30 -42.84 -16.33
CA ASN A 462 6.87 -44.11 -15.88
C ASN A 462 7.87 -43.88 -14.76
N LYS A 463 8.07 -44.93 -13.96
CA LYS A 463 9.02 -44.86 -12.85
C LYS A 463 10.43 -44.61 -13.31
N ASP A 464 10.74 -44.91 -14.58
CA ASP A 464 12.10 -44.79 -15.11
C ASP A 464 12.26 -43.65 -16.10
N SER A 465 11.31 -43.46 -17.01
CA SER A 465 11.47 -42.53 -18.11
C SER A 465 11.02 -41.12 -17.78
N TRP A 466 10.50 -40.86 -16.58
CA TRP A 466 9.98 -39.53 -16.28
C TRP A 466 11.08 -38.48 -16.30
N LYS A 467 12.32 -38.86 -15.96
CA LYS A 467 13.41 -37.89 -15.96
C LYS A 467 13.78 -37.48 -17.39
N ARG A 468 13.95 -38.46 -18.27
CA ARG A 468 14.31 -38.16 -19.65
C ARG A 468 13.18 -37.46 -20.39
N GLU A 469 11.94 -37.93 -20.19
CA GLU A 469 10.80 -37.29 -20.84
C GLU A 469 10.63 -35.85 -20.37
N LEU A 470 10.78 -35.62 -19.06
CA LEU A 470 10.59 -34.27 -18.53
C LEU A 470 11.66 -33.32 -19.07
N GLN A 471 12.89 -33.78 -19.21
CA GLN A 471 13.96 -32.93 -19.71
C GLN A 471 13.68 -32.47 -21.13
N GLU A 472 13.34 -33.42 -22.01
CA GLU A 472 13.07 -33.06 -23.41
C GLU A 472 11.87 -32.13 -23.50
N CYS A 473 10.85 -32.35 -22.68
CA CYS A 473 9.67 -31.48 -22.68
C CYS A 473 10.06 -30.06 -22.28
N GLY A 474 10.95 -29.93 -21.29
CA GLY A 474 11.44 -28.60 -20.94
C GLY A 474 12.24 -27.97 -22.06
N LYS A 475 13.03 -28.77 -22.76
CA LYS A 475 13.83 -28.24 -23.86
C LYS A 475 12.96 -27.86 -25.04
N PHE A 476 11.98 -28.69 -25.38
CA PHE A 476 11.11 -28.50 -26.53
C PHE A 476 9.66 -28.58 -26.07
N PRO A 477 9.10 -27.48 -25.54
CA PRO A 477 7.72 -27.53 -25.06
C PRO A 477 6.71 -27.94 -26.13
N VAL A 478 6.98 -27.63 -27.40
CA VAL A 478 6.03 -27.95 -28.46
C VAL A 478 5.85 -29.46 -28.57
N ASN A 479 6.93 -30.22 -28.36
CA ASN A 479 6.85 -31.67 -28.50
C ASN A 479 5.98 -32.32 -27.44
N CYS A 480 5.70 -31.63 -26.33
CA CYS A 480 4.83 -32.14 -25.27
C CYS A 480 3.71 -31.15 -24.98
N LEU A 481 3.01 -30.72 -26.03
CA LEU A 481 1.92 -29.77 -25.85
C LEU A 481 0.87 -30.36 -24.91
N PRO A 482 0.32 -29.57 -23.99
CA PRO A 482 -0.71 -30.07 -23.09
C PRO A 482 -2.04 -30.21 -23.81
N THR A 483 -3.03 -30.76 -23.09
CA THR A 483 -4.34 -30.98 -23.69
C THR A 483 -5.03 -29.68 -24.10
N PHE A 484 -4.65 -28.55 -23.51
CA PHE A 484 -5.21 -27.26 -23.89
C PHE A 484 -4.41 -26.55 -24.96
N GLN A 485 -3.36 -27.19 -25.49
CA GLN A 485 -2.69 -26.80 -26.71
C GLN A 485 -1.88 -25.51 -26.58
N GLN A 486 -1.58 -25.08 -25.36
CA GLN A 486 -0.70 -23.94 -25.14
C GLN A 486 0.63 -24.42 -24.60
N PRO A 487 1.74 -24.29 -25.34
CA PRO A 487 3.01 -24.81 -24.85
C PRO A 487 3.42 -24.14 -23.54
N LEU A 488 4.04 -24.92 -22.65
CA LEU A 488 4.47 -24.45 -21.35
C LEU A 488 5.98 -24.41 -21.31
N LYS A 489 6.55 -23.23 -21.05
CA LYS A 489 7.99 -23.06 -20.97
C LYS A 489 8.48 -23.29 -19.55
N THR A 490 9.73 -23.77 -19.44
CA THR A 490 10.27 -24.13 -18.14
C THR A 490 10.37 -22.93 -17.21
N ASN A 491 10.57 -21.74 -17.75
CA ASN A 491 10.64 -20.54 -16.91
C ASN A 491 9.33 -20.27 -16.20
N LEU A 492 8.24 -20.90 -16.66
CA LEU A 492 6.94 -20.78 -15.99
C LEU A 492 6.71 -21.87 -14.96
N LEU A 493 7.26 -23.06 -15.17
CA LEU A 493 6.93 -24.23 -14.35
C LEU A 493 8.00 -24.58 -13.32
N PHE A 494 9.18 -23.96 -13.38
CA PHE A 494 10.28 -24.35 -12.51
C PHE A 494 11.06 -23.12 -12.08
N SER A 495 11.97 -23.34 -11.13
CA SER A 495 12.86 -22.29 -10.65
C SER A 495 14.19 -22.26 -11.39
N ASP A 496 14.60 -23.36 -11.98
CA ASP A 496 15.84 -23.45 -12.74
C ASP A 496 15.55 -24.09 -14.09
N ASP A 497 16.13 -23.52 -15.15
CA ASP A 497 16.00 -24.13 -16.46
C ASP A 497 16.61 -25.52 -16.49
N ASP A 498 17.60 -25.78 -15.64
CA ASP A 498 18.07 -27.13 -15.40
C ASP A 498 17.05 -27.83 -14.53
N ILE A 499 16.09 -28.52 -15.15
CA ILE A 499 14.90 -28.96 -14.46
C ILE A 499 15.25 -29.92 -13.33
N LEU A 500 16.13 -30.87 -13.59
CA LEU A 500 16.45 -31.89 -12.58
C LEU A 500 17.10 -31.29 -11.35
N ASN A 501 17.67 -30.08 -11.46
CA ASN A 501 18.33 -29.43 -10.33
C ASN A 501 17.51 -28.30 -9.73
N ALA A 502 16.38 -27.94 -10.33
CA ALA A 502 15.54 -26.88 -9.78
C ALA A 502 15.08 -27.25 -8.37
N HIS A 503 15.19 -26.29 -7.46
CA HIS A 503 14.76 -26.50 -6.08
C HIS A 503 13.25 -26.43 -5.92
N ALA A 504 12.53 -25.92 -6.92
CA ALA A 504 11.08 -25.78 -6.82
C ALA A 504 10.46 -25.90 -8.20
N PHE A 505 9.17 -26.25 -8.22
CA PHE A 505 8.37 -26.19 -9.43
C PHE A 505 7.08 -25.44 -9.11
N VAL A 506 6.58 -24.69 -10.09
CA VAL A 506 5.45 -23.79 -9.90
C VAL A 506 4.22 -24.40 -10.55
N VAL A 507 3.07 -24.23 -9.88
CA VAL A 507 1.77 -24.68 -10.39
C VAL A 507 0.82 -23.50 -10.33
N THR A 508 0.34 -23.06 -11.50
CA THR A 508 -0.55 -21.92 -11.61
C THR A 508 -1.89 -22.37 -12.16
N LEU A 509 -2.97 -21.98 -11.49
CA LEU A 509 -4.34 -22.30 -11.92
C LEU A 509 -5.04 -21.00 -12.31
N LEU A 510 -5.67 -21.00 -13.48
CA LEU A 510 -6.32 -19.82 -14.02
C LEU A 510 -7.83 -20.04 -14.04
N LEU A 511 -8.56 -19.08 -13.50
CA LEU A 511 -10.03 -19.12 -13.45
C LEU A 511 -10.57 -17.92 -14.21
N THR A 512 -11.42 -18.19 -15.20
CA THR A 512 -12.13 -17.12 -15.91
C THR A 512 -13.44 -16.74 -15.23
N ASN A 513 -13.93 -17.55 -14.30
CA ASN A 513 -15.10 -17.22 -13.52
C ASN A 513 -14.75 -16.16 -12.49
N HIS A 514 -15.55 -15.10 -12.42
CA HIS A 514 -15.33 -14.01 -11.46
C HIS A 514 -16.54 -13.78 -10.57
N THR A 515 -17.39 -14.79 -10.40
CA THR A 515 -18.51 -14.70 -9.49
C THR A 515 -18.09 -15.22 -8.11
N GLN A 516 -19.03 -15.21 -7.16
CA GLN A 516 -18.73 -15.67 -5.82
C GLN A 516 -18.41 -17.15 -5.78
N SER A 517 -18.90 -17.93 -6.74
CA SER A 517 -18.58 -19.35 -6.77
C SER A 517 -17.08 -19.58 -6.85
N ALA A 518 -16.38 -18.72 -7.59
CA ALA A 518 -14.91 -18.79 -7.62
C ALA A 518 -14.33 -18.50 -6.25
N ASN A 519 -14.91 -17.52 -5.53
CA ASN A 519 -14.43 -17.22 -4.18
C ASN A 519 -14.62 -18.41 -3.24
N ARG A 520 -15.77 -19.09 -3.33
CA ARG A 520 -16.02 -20.23 -2.46
C ARG A 520 -15.01 -21.34 -2.74
N TRP A 521 -14.72 -21.61 -4.01
CA TRP A 521 -13.79 -22.68 -4.33
C TRP A 521 -12.37 -22.34 -3.91
N GLU A 522 -11.97 -21.08 -4.08
CA GLU A 522 -10.63 -20.68 -3.63
C GLU A 522 -10.49 -20.82 -2.13
N GLU A 523 -11.56 -20.51 -1.38
CA GLU A 523 -11.54 -20.76 0.05
C GLU A 523 -11.39 -22.25 0.36
N ARG A 524 -12.12 -23.08 -0.39
CA ARG A 524 -11.95 -24.53 -0.23
C ARG A 524 -10.54 -24.96 -0.63
N LEU A 525 -10.02 -24.40 -1.71
CA LEU A 525 -8.65 -24.71 -2.12
C LEU A 525 -7.66 -24.25 -1.06
N GLU A 526 -7.87 -23.05 -0.51
CA GLU A 526 -6.95 -22.54 0.51
C GLU A 526 -6.99 -23.41 1.76
N GLU A 527 -8.19 -23.81 2.20
CA GLU A 527 -8.30 -24.72 3.33
C GLU A 527 -7.66 -26.07 3.01
N TYR A 528 -7.80 -26.54 1.76
CA TYR A 528 -7.24 -27.82 1.39
C TYR A 528 -5.72 -27.82 1.51
N LEU A 529 -5.07 -26.75 1.04
CA LEU A 529 -3.60 -26.72 1.03
C LEU A 529 -3.04 -26.52 2.43
N LEU A 530 -3.75 -25.78 3.29
CA LEU A 530 -3.28 -25.62 4.67
C LEU A 530 -3.31 -26.94 5.42
N ASP A 531 -4.24 -27.82 5.08
CA ASP A 531 -4.35 -29.13 5.72
C ASP A 531 -3.60 -30.22 4.98
N LEU A 532 -2.91 -29.87 3.89
CA LEU A 532 -2.22 -30.89 3.09
C LEU A 532 -0.95 -31.35 3.78
N LYS A 533 -0.72 -32.66 3.74
CA LYS A 533 0.47 -33.27 4.33
C LYS A 533 1.56 -33.30 3.26
N VAL A 534 2.51 -32.37 3.36
CA VAL A 534 3.61 -32.28 2.42
C VAL A 534 4.63 -33.37 2.75
N PRO A 535 5.32 -33.94 1.76
CA PRO A 535 6.29 -34.99 2.08
C PRO A 535 7.45 -34.45 2.90
N GLU A 536 8.09 -35.34 3.66
CA GLU A 536 9.22 -34.96 4.49
C GLU A 536 10.33 -34.39 3.63
N GLY A 537 10.88 -33.25 4.05
CA GLY A 537 11.93 -32.58 3.32
C GLY A 537 11.43 -31.58 2.29
N LEU A 538 10.14 -31.54 2.03
CA LEU A 538 9.54 -30.59 1.10
C LEU A 538 8.74 -29.55 1.85
N ARG A 539 8.33 -28.52 1.12
CA ARG A 539 7.55 -27.42 1.67
C ARG A 539 6.77 -26.78 0.54
N ILE A 540 5.56 -26.31 0.84
CA ILE A 540 4.70 -25.68 -0.14
C ILE A 540 4.30 -24.30 0.34
N SER A 541 4.31 -23.34 -0.57
CA SER A 541 3.69 -22.04 -0.36
C SER A 541 2.75 -21.79 -1.53
N PHE A 542 1.66 -21.08 -1.25
CA PHE A 542 0.60 -20.90 -2.24
C PHE A 542 -0.04 -19.54 -2.08
N ASN A 543 -0.92 -19.22 -3.01
CA ASN A 543 -1.65 -17.95 -2.99
C ASN A 543 -2.88 -18.10 -3.87
N THR A 544 -4.05 -17.90 -3.29
CA THR A 544 -5.30 -17.86 -4.02
C THR A 544 -5.72 -16.41 -4.24
N GLU A 545 -6.66 -16.21 -5.16
CA GLU A 545 -7.13 -14.86 -5.42
C GLU A 545 -7.79 -14.23 -4.20
N ILE A 546 -8.27 -15.05 -3.26
CA ILE A 546 -8.83 -14.55 -2.01
C ILE A 546 -7.82 -14.58 -0.87
N SER A 547 -6.61 -15.09 -1.11
CA SER A 547 -5.64 -15.24 -0.02
C SER A 547 -5.25 -13.90 0.57
N LEU A 548 -4.92 -12.93 -0.28
CA LEU A 548 -4.44 -11.64 0.22
C LEU A 548 -5.50 -10.96 1.07
N GLU A 549 -6.74 -10.93 0.60
CA GLU A 549 -7.81 -10.30 1.36
C GLU A 549 -8.02 -11.01 2.69
N LYS A 550 -8.01 -12.34 2.67
CA LYS A 550 -8.21 -13.11 3.90
C LYS A 550 -7.06 -12.90 4.88
N GLU A 551 -5.82 -12.95 4.38
CA GLU A 551 -4.66 -12.83 5.25
C GLU A 551 -4.39 -11.39 5.67
N LEU A 552 -4.64 -10.44 4.77
CA LEU A 552 -4.37 -9.04 5.10
C LEU A 552 -5.22 -8.59 6.28
N ASN A 553 -6.49 -8.97 6.30
CA ASN A 553 -7.43 -8.55 7.34
C ASN A 553 -7.67 -9.65 8.37
N ASN A 554 -6.63 -10.41 8.71
CA ASN A 554 -6.73 -11.51 9.67
C ASN A 554 -5.74 -11.19 10.79
N ASN A 555 -6.23 -10.49 11.82
CA ASN A 555 -5.39 -10.12 12.95
C ASN A 555 -6.25 -10.09 14.21
N ASN A 556 -5.59 -10.30 15.35
CA ASN A 556 -6.25 -10.28 16.66
C ASN A 556 -5.29 -9.60 17.63
N ASP A 557 -5.52 -8.31 17.89
CA ASP A 557 -4.65 -7.51 18.74
C ASP A 557 -5.45 -6.81 19.83
N ILE A 558 -6.48 -7.49 20.35
CA ILE A 558 -7.25 -6.91 21.43
C ILE A 558 -6.41 -6.78 22.69
N SER A 559 -5.65 -7.83 23.02
CA SER A 559 -4.81 -7.79 24.22
C SER A 559 -3.74 -6.71 24.11
N THR A 560 -3.20 -6.51 22.90
CA THR A 560 -2.17 -5.50 22.73
C THR A 560 -2.69 -4.10 23.09
N VAL A 561 -3.91 -3.78 22.66
CA VAL A 561 -4.49 -2.48 22.98
C VAL A 561 -4.67 -2.36 24.50
N ALA A 562 -5.17 -3.42 25.14
CA ALA A 562 -5.37 -3.38 26.59
C ALA A 562 -4.03 -3.21 27.31
N ILE A 563 -2.99 -3.91 26.84
CA ILE A 563 -1.68 -3.79 27.47
C ILE A 563 -1.17 -2.35 27.37
N SER A 564 -1.34 -1.73 26.20
CA SER A 564 -0.90 -0.35 26.04
C SER A 564 -1.65 0.59 26.97
N TYR A 565 -2.97 0.41 27.08
CA TYR A 565 -3.77 1.29 27.92
C TYR A 565 -3.57 1.02 29.40
N LEU A 566 -3.14 -0.19 29.77
CA LEU A 566 -2.80 -0.46 31.16
C LEU A 566 -1.48 0.19 31.54
N MET A 567 -0.49 0.13 30.65
CA MET A 567 0.78 0.80 30.91
C MET A 567 0.59 2.30 31.01
N MET A 568 -0.24 2.88 30.13
CA MET A 568 -0.53 4.30 30.23
C MET A 568 -1.25 4.62 31.53
N PHE A 569 -2.15 3.74 31.96
CA PHE A 569 -2.84 3.94 33.23
C PHE A 569 -1.85 3.96 34.39
N LEU A 570 -0.89 3.02 34.38
CA LEU A 570 0.11 3.01 35.44
C LEU A 570 1.00 4.25 35.37
N TYR A 571 1.39 4.66 34.16
CA TYR A 571 2.20 5.87 34.03
C TYR A 571 1.39 7.11 34.36
N ALA A 572 0.13 7.17 33.92
CA ALA A 572 -0.70 8.33 34.22
C ALA A 572 -0.91 8.48 35.73
N THR A 573 -1.10 7.36 36.43
CA THR A 573 -1.25 7.42 37.88
C THR A 573 -0.01 7.99 38.54
N TRP A 574 1.17 7.57 38.09
CA TRP A 574 2.41 8.08 38.65
C TRP A 574 2.64 9.54 38.27
N ALA A 575 2.35 9.90 37.02
CA ALA A 575 2.62 11.26 36.56
C ALA A 575 1.64 12.27 37.13
N LEU A 576 0.38 11.86 37.33
CA LEU A 576 -0.66 12.78 37.78
C LEU A 576 -0.80 12.83 39.30
N ARG A 577 0.02 12.11 40.03
CA ARG A 577 -0.02 12.19 41.49
C ARG A 577 0.43 13.58 41.95
N ARG A 578 -0.15 14.03 43.05
CA ARG A 578 0.14 15.37 43.55
C ARG A 578 1.61 15.50 43.91
N LYS A 579 2.06 16.76 44.00
CA LYS A 579 3.47 17.02 44.35
C LYS A 579 3.83 16.39 45.68
N ASP A 580 2.86 16.27 46.60
CA ASP A 580 3.13 15.59 47.86
C ASP A 580 3.47 14.13 47.65
N GLY A 581 2.77 13.48 46.71
CA GLY A 581 2.99 12.07 46.44
C GLY A 581 1.72 11.25 46.58
N LYS A 582 0.56 11.91 46.50
CA LYS A 582 -0.73 11.26 46.62
C LYS A 582 -1.28 10.98 45.23
N THR A 583 -1.70 9.73 45.00
CA THR A 583 -2.24 9.35 43.71
C THR A 583 -3.64 9.91 43.52
N ARG A 584 -3.96 10.25 42.27
CA ARG A 584 -5.29 10.70 41.87
C ARG A 584 -5.78 9.73 40.80
N LEU A 585 -6.42 8.65 41.26
CA LEU A 585 -6.80 7.57 40.35
C LEU A 585 -7.85 8.05 39.34
N LEU A 586 -8.78 8.89 39.77
CA LEU A 586 -9.83 9.36 38.87
C LEU A 586 -9.25 10.12 37.70
N LEU A 587 -8.26 10.99 37.95
CA LEU A 587 -7.64 11.75 36.87
C LEU A 587 -6.97 10.82 35.87
N GLY A 588 -6.25 9.81 36.36
CA GLY A 588 -5.62 8.86 35.47
C GLY A 588 -6.61 8.08 34.64
N ILE A 589 -7.66 7.57 35.29
CA ILE A 589 -8.70 6.82 34.59
C ILE A 589 -9.42 7.71 33.59
N SER A 590 -9.78 8.93 34.01
CA SER A 590 -10.54 9.82 33.15
C SER A 590 -9.75 10.18 31.90
N GLY A 591 -8.45 10.44 32.05
CA GLY A 591 -7.65 10.78 30.89
C GLY A 591 -7.65 9.68 29.85
N LEU A 592 -7.62 8.42 30.28
CA LEU A 592 -7.64 7.31 29.34
C LEU A 592 -9.04 7.07 28.77
N LEU A 593 -10.08 7.26 29.60
CA LEU A 593 -11.43 7.13 29.08
C LEU A 593 -11.71 8.18 28.02
N ILE A 594 -11.14 9.37 28.18
CA ILE A 594 -11.32 10.42 27.18
C ILE A 594 -10.67 10.01 25.86
N VAL A 595 -9.51 9.34 25.94
CA VAL A 595 -8.86 8.85 24.73
C VAL A 595 -9.73 7.78 24.06
N LEU A 596 -10.31 6.88 24.86
CA LEU A 596 -11.21 5.88 24.30
C LEU A 596 -12.42 6.52 23.66
N ALA A 597 -12.99 7.54 24.31
CA ALA A 597 -14.15 8.22 23.76
C ALA A 597 -13.79 8.94 22.45
N SER A 598 -12.60 9.50 22.37
CA SER A 598 -12.19 10.19 21.15
C SER A 598 -12.15 9.24 19.96
N ILE A 599 -11.63 8.04 20.17
CA ILE A 599 -11.60 7.04 19.09
C ILE A 599 -13.02 6.61 18.73
N VAL A 600 -13.84 6.33 19.74
CA VAL A 600 -15.21 5.89 19.49
C VAL A 600 -16.03 7.00 18.85
N CYS A 601 -15.92 8.22 19.38
CA CYS A 601 -16.70 9.33 18.83
C CYS A 601 -16.31 9.60 17.39
N ALA A 602 -15.01 9.57 17.09
CA ALA A 602 -14.57 9.78 15.71
C ALA A 602 -15.02 8.64 14.80
N ALA A 603 -14.87 7.39 15.26
CA ALA A 603 -15.29 6.26 14.44
C ALA A 603 -16.79 6.26 14.21
N GLY A 604 -17.57 6.56 15.25
CA GLY A 604 -19.01 6.62 15.09
C GLY A 604 -19.46 7.85 14.32
N PHE A 605 -18.66 8.92 14.35
CA PHE A 605 -18.99 10.11 13.58
C PHE A 605 -18.75 9.87 12.09
N LEU A 606 -17.62 9.25 11.74
CA LEU A 606 -17.30 9.01 10.34
C LEU A 606 -18.16 7.90 9.73
N THR A 607 -18.75 7.06 10.56
CA THR A 607 -19.69 6.06 10.05
C THR A 607 -20.91 6.75 9.42
N LEU A 608 -21.40 7.81 10.07
CA LEU A 608 -22.55 8.53 9.52
C LEU A 608 -22.27 9.08 8.12
N PHE A 609 -21.01 9.37 7.83
CA PHE A 609 -20.61 9.85 6.51
C PHE A 609 -20.29 8.72 5.54
N GLY A 610 -20.47 7.46 5.96
CA GLY A 610 -20.22 6.33 5.10
C GLY A 610 -18.77 5.92 4.99
N LEU A 611 -17.86 6.59 5.71
CA LEU A 611 -16.46 6.21 5.67
C LEU A 611 -16.27 4.83 6.26
N LYS A 612 -15.42 4.03 5.62
CA LYS A 612 -15.11 2.68 6.07
C LYS A 612 -13.77 2.67 6.77
N SER A 613 -13.70 1.97 7.90
CA SER A 613 -12.43 1.75 8.57
C SER A 613 -11.69 0.58 7.91
N THR A 614 -10.40 0.47 8.21
CA THR A 614 -9.56 -0.55 7.62
C THR A 614 -8.70 -1.17 8.71
N LEU A 615 -7.76 -2.02 8.31
CA LEU A 615 -6.83 -2.62 9.26
C LEU A 615 -5.98 -1.56 9.94
N ILE A 616 -5.68 -0.46 9.24
CA ILE A 616 -4.87 0.60 9.84
C ILE A 616 -5.60 1.20 11.03
N ILE A 617 -6.90 1.42 10.91
CA ILE A 617 -7.67 2.01 12.00
C ILE A 617 -7.63 1.09 13.22
N ALA A 618 -7.82 -0.20 13.02
CA ALA A 618 -7.85 -1.13 14.14
C ALA A 618 -6.49 -1.31 14.78
N GLU A 619 -5.40 -1.20 13.99
CA GLU A 619 -4.08 -1.55 14.46
C GLU A 619 -3.22 -0.36 14.89
N VAL A 620 -3.58 0.86 14.50
CA VAL A 620 -2.74 2.03 14.71
C VAL A 620 -3.50 3.12 15.48
N ILE A 621 -4.74 3.41 15.08
CA ILE A 621 -5.46 4.55 15.64
C ILE A 621 -5.49 4.51 17.17
N PRO A 622 -5.82 3.38 17.82
CA PRO A 622 -5.80 3.36 19.29
C PRO A 622 -4.46 3.72 19.87
N PHE A 623 -3.37 3.35 19.20
CA PHE A 623 -2.04 3.63 19.73
C PHE A 623 -1.62 5.07 19.45
N LEU A 624 -1.88 5.56 18.23
CA LEU A 624 -1.51 6.93 17.89
C LEU A 624 -2.29 7.94 18.73
N ILE A 625 -3.59 7.73 18.89
CA ILE A 625 -4.39 8.66 19.68
C ILE A 625 -4.01 8.55 21.15
N LEU A 626 -3.71 7.33 21.63
CA LEU A 626 -3.20 7.18 22.98
C LEU A 626 -1.88 7.91 23.15
N ALA A 627 -1.01 7.84 22.15
CA ALA A 627 0.30 8.49 22.25
C ALA A 627 0.16 10.00 22.34
N ILE A 628 -0.78 10.58 21.61
CA ILE A 628 -0.92 12.03 21.53
C ILE A 628 -2.17 12.54 22.25
N GLY A 629 -3.15 11.68 22.52
CA GLY A 629 -4.39 12.14 23.14
C GLY A 629 -4.32 12.35 24.63
N ILE A 630 -3.21 11.93 25.26
CA ILE A 630 -3.05 12.08 26.71
C ILE A 630 -2.14 13.26 27.07
N ASP A 631 -1.44 13.84 26.10
CA ASP A 631 -0.43 14.85 26.41
C ASP A 631 -1.03 16.04 27.14
N ASN A 632 -2.11 16.60 26.61
CA ASN A 632 -2.68 17.82 27.18
C ASN A 632 -3.25 17.60 28.57
N ILE A 633 -3.56 16.35 28.93
CA ILE A 633 -4.01 16.07 30.30
C ILE A 633 -2.90 16.41 31.29
N PHE A 634 -1.68 15.96 31.01
CA PHE A 634 -0.56 16.29 31.89
C PHE A 634 -0.27 17.79 31.88
N LEU A 635 -0.31 18.41 30.71
CA LEU A 635 0.03 19.83 30.61
C LEU A 635 -0.92 20.68 31.45
N ILE A 636 -2.22 20.42 31.35
CA ILE A 636 -3.19 21.19 32.12
C ILE A 636 -3.09 20.85 33.60
N THR A 637 -3.04 19.56 33.92
CA THR A 637 -2.99 19.15 35.34
C THR A 637 -1.70 19.61 36.00
N HIS A 638 -0.56 19.42 35.32
CA HIS A 638 0.70 19.89 35.88
C HIS A 638 0.68 21.41 36.04
N GLU A 639 0.12 22.13 35.07
CA GLU A 639 -0.01 23.57 35.21
C GLU A 639 -0.94 23.93 36.35
N TYR A 640 -2.06 23.21 36.48
CA TYR A 640 -2.96 23.45 37.60
C TYR A 640 -2.26 23.16 38.93
N ASP A 641 -1.43 22.12 38.96
CA ASP A 641 -0.63 21.85 40.15
C ASP A 641 0.30 23.02 40.46
N ARG A 642 0.90 23.60 39.41
CA ARG A 642 1.73 24.79 39.62
C ARG A 642 0.90 25.93 40.18
N ASN A 643 -0.35 26.06 39.74
CA ASN A 643 -1.24 27.10 40.25
C ASN A 643 -1.61 26.88 41.71
N CYS A 644 -1.33 25.71 42.28
CA CYS A 644 -1.61 25.49 43.70
C CYS A 644 -0.55 26.14 44.58
N GLU A 645 0.72 25.89 44.29
CA GLU A 645 1.79 26.53 45.03
C GLU A 645 1.82 28.04 44.77
N GLN A 646 1.67 28.43 43.51
CA GLN A 646 1.67 29.84 43.13
C GLN A 646 0.26 30.39 43.15
N LYS A 647 0.09 31.57 43.74
CA LYS A 647 -1.23 32.18 43.86
C LYS A 647 -2.14 31.29 44.70
N PRO A 648 -1.74 30.97 45.94
CA PRO A 648 -2.56 30.05 46.75
C PRO A 648 -3.95 30.56 47.03
N GLU A 649 -4.15 31.89 47.08
CA GLU A 649 -5.47 32.43 47.41
C GLU A 649 -6.51 32.11 46.35
N TYR A 650 -6.10 31.76 45.14
CA TYR A 650 -7.05 31.44 44.09
C TYR A 650 -7.84 30.18 44.46
N SER A 651 -9.09 30.15 44.00
CA SER A 651 -9.93 28.99 44.22
C SER A 651 -9.63 27.91 43.18
N ILE A 652 -10.20 26.72 43.41
CA ILE A 652 -9.96 25.60 42.50
C ILE A 652 -10.48 25.93 41.11
N ASP A 653 -11.66 26.55 41.02
CA ASP A 653 -12.21 26.92 39.72
C ASP A 653 -11.30 27.92 39.02
N GLN A 654 -10.82 28.93 39.75
CA GLN A 654 -9.95 29.93 39.14
C GLN A 654 -8.60 29.33 38.77
N LYS A 655 -8.10 28.40 39.57
CA LYS A 655 -6.81 27.78 39.26
C LYS A 655 -6.87 27.01 37.95
N ILE A 656 -7.94 26.25 37.73
CA ILE A 656 -8.08 25.50 36.49
C ILE A 656 -8.24 26.45 35.31
N ILE A 657 -9.07 27.48 35.47
CA ILE A 657 -9.29 28.43 34.37
C ILE A 657 -8.00 29.16 34.04
N SER A 658 -7.27 29.61 35.06
CA SER A 658 -6.01 30.30 34.83
C SER A 658 -5.00 29.37 34.16
N ALA A 659 -4.92 28.12 34.62
CA ALA A 659 -4.02 27.16 33.99
C ALA A 659 -4.41 26.90 32.53
N ILE A 660 -5.71 26.78 32.28
CA ILE A 660 -6.17 26.59 30.90
C ILE A 660 -5.83 27.81 30.06
N GLY A 661 -6.02 29.01 30.61
CA GLY A 661 -5.82 30.22 29.83
C GLY A 661 -4.42 30.36 29.30
N ARG A 662 -3.42 30.15 30.17
CA ARG A 662 -2.04 30.37 29.77
C ARG A 662 -1.51 29.24 28.89
N MET A 663 -2.02 28.02 29.07
CA MET A 663 -1.58 26.88 28.27
C MET A 663 -2.40 26.68 27.00
N SER A 664 -3.52 27.42 26.84
CA SER A 664 -4.33 27.26 25.64
C SER A 664 -3.58 27.63 24.37
N PRO A 665 -2.84 28.74 24.29
CA PRO A 665 -2.21 29.09 23.01
C PRO A 665 -1.26 28.02 22.51
N SER A 666 -0.50 27.39 23.42
CA SER A 666 0.40 26.32 23.00
C SER A 666 -0.37 25.05 22.67
N ILE A 667 -1.44 24.78 23.43
CA ILE A 667 -2.25 23.59 23.16
C ILE A 667 -3.00 23.74 21.85
N LEU A 668 -3.62 24.91 21.65
CA LEU A 668 -4.40 25.13 20.43
C LEU A 668 -3.48 25.12 19.20
N MET A 669 -2.33 25.78 19.29
CA MET A 669 -1.41 25.81 18.15
C MET A 669 -0.93 24.41 17.81
N SER A 670 -0.55 23.62 18.82
CA SER A 670 -0.13 22.25 18.57
C SER A 670 -1.29 21.42 18.03
N LEU A 671 -2.50 21.65 18.54
CA LEU A 671 -3.68 20.95 18.03
C LEU A 671 -3.92 21.29 16.56
N LEU A 672 -3.82 22.58 16.21
CA LEU A 672 -4.01 22.98 14.82
C LEU A 672 -2.93 22.39 13.93
N CYS A 673 -1.69 22.35 14.41
CA CYS A 673 -0.61 21.71 13.65
C CYS A 673 -0.90 20.24 13.47
N GLN A 674 -1.39 19.57 14.51
CA GLN A 674 -1.79 18.18 14.37
C GLN A 674 -2.92 18.03 13.36
N THR A 675 -3.92 18.91 13.44
CA THR A 675 -5.04 18.85 12.51
C THR A 675 -4.57 19.11 11.08
N GLY A 676 -3.74 20.14 10.89
CA GLY A 676 -3.31 20.48 9.55
C GLY A 676 -2.44 19.41 8.92
N CYS A 677 -1.52 18.83 9.69
CA CYS A 677 -0.63 17.81 9.15
C CYS A 677 -1.41 16.58 8.72
N PHE A 678 -2.41 16.18 9.50
CA PHE A 678 -3.26 15.06 9.09
C PHE A 678 -4.00 15.39 7.81
N LEU A 679 -4.50 16.62 7.69
CA LEU A 679 -5.21 17.02 6.47
C LEU A 679 -4.26 17.07 5.28
N ILE A 680 -3.02 17.51 5.51
CA ILE A 680 -2.02 17.45 4.45
C ILE A 680 -1.75 16.00 4.06
N ALA A 681 -1.62 15.13 5.06
CA ALA A 681 -1.43 13.72 4.80
C ALA A 681 -2.62 13.09 4.10
N ALA A 682 -3.79 13.75 4.13
CA ALA A 682 -4.96 13.23 3.45
C ALA A 682 -4.91 13.46 1.94
N PHE A 683 -3.93 14.21 1.45
CA PHE A 683 -3.79 14.39 0.01
C PHE A 683 -3.23 13.14 -0.67
N VAL A 684 -2.65 12.22 0.08
CA VAL A 684 -2.22 10.94 -0.47
C VAL A 684 -3.45 10.16 -0.91
N THR A 685 -3.41 9.63 -2.13
CA THR A 685 -4.61 9.09 -2.77
C THR A 685 -4.87 7.63 -2.42
N MET A 686 -4.02 6.99 -1.63
CA MET A 686 -4.30 5.63 -1.20
C MET A 686 -5.48 5.66 -0.24
N PRO A 687 -6.61 5.00 -0.55
CA PRO A 687 -7.79 5.15 0.32
C PRO A 687 -7.54 4.72 1.75
N ALA A 688 -6.82 3.62 1.97
CA ALA A 688 -6.55 3.18 3.33
C ALA A 688 -5.72 4.21 4.09
N VAL A 689 -4.69 4.76 3.43
CA VAL A 689 -3.87 5.80 4.06
C VAL A 689 -4.67 7.09 4.19
N HIS A 690 -5.43 7.44 3.14
CA HIS A 690 -6.29 8.63 3.22
C HIS A 690 -7.34 8.46 4.30
N ASN A 691 -7.92 7.26 4.41
CA ASN A 691 -8.88 6.99 5.47
C ASN A 691 -8.25 7.16 6.85
N PHE A 692 -7.02 6.66 7.01
CA PHE A 692 -6.33 6.79 8.30
C PHE A 692 -6.10 8.24 8.67
N ALA A 693 -5.69 9.06 7.70
CA ALA A 693 -5.48 10.48 7.97
C ALA A 693 -6.77 11.17 8.37
N ILE A 694 -7.87 10.86 7.67
CA ILE A 694 -9.15 11.45 8.01
C ILE A 694 -9.62 10.99 9.38
N TYR A 695 -9.46 9.69 9.66
CA TYR A 695 -9.83 9.18 10.98
C TYR A 695 -9.02 9.85 12.08
N SER A 696 -7.72 10.01 11.85
CA SER A 696 -6.87 10.66 12.86
C SER A 696 -7.26 12.12 13.04
N THR A 697 -7.63 12.80 11.96
CA THR A 697 -8.04 14.20 12.08
C THR A 697 -9.24 14.35 12.98
N VAL A 698 -10.25 13.48 12.81
CA VAL A 698 -11.46 13.57 13.61
C VAL A 698 -11.17 13.18 15.06
N SER A 699 -10.35 12.14 15.26
CA SER A 699 -10.02 11.72 16.62
C SER A 699 -9.28 12.82 17.38
N VAL A 700 -8.32 13.47 16.72
CA VAL A 700 -7.55 14.52 17.38
C VAL A 700 -8.45 15.69 17.75
N ILE A 701 -9.36 16.08 16.85
CA ILE A 701 -10.29 17.16 17.15
C ILE A 701 -11.23 16.74 18.28
N PHE A 702 -11.75 15.52 18.22
CA PHE A 702 -12.60 15.02 19.29
C PHE A 702 -11.82 14.95 20.61
N ASN A 703 -10.58 14.47 20.56
CA ASN A 703 -9.77 14.41 21.76
C ASN A 703 -9.54 15.79 22.34
N GLY A 704 -9.22 16.77 21.49
CA GLY A 704 -9.00 18.13 21.98
C GLY A 704 -10.23 18.72 22.63
N VAL A 705 -11.40 18.52 22.01
CA VAL A 705 -12.63 19.03 22.59
C VAL A 705 -12.93 18.35 23.92
N LEU A 706 -12.76 17.03 23.98
CA LEU A 706 -13.03 16.29 25.21
C LEU A 706 -12.10 16.73 26.34
N GLN A 707 -10.82 16.90 26.05
CA GLN A 707 -9.88 17.33 27.07
C GLN A 707 -10.25 18.70 27.62
N LEU A 708 -10.69 19.61 26.76
CA LEU A 708 -11.02 20.96 27.19
C LEU A 708 -12.36 21.04 27.88
N THR A 709 -13.23 20.04 27.72
CA THR A 709 -14.53 20.03 28.35
C THR A 709 -14.67 18.89 29.36
N ALA A 710 -14.47 17.64 28.94
CA ALA A 710 -14.71 16.51 29.83
C ALA A 710 -13.71 16.49 30.99
N TYR A 711 -12.41 16.58 30.68
CA TYR A 711 -11.41 16.51 31.74
C TYR A 711 -11.50 17.72 32.66
N VAL A 712 -11.74 18.90 32.09
CA VAL A 712 -11.87 20.11 32.92
C VAL A 712 -13.04 19.95 33.88
N SER A 713 -14.13 19.32 33.41
CA SER A 713 -15.24 19.03 34.30
C SER A 713 -14.85 18.02 35.37
N ILE A 714 -14.13 16.96 34.97
CA ILE A 714 -13.70 15.96 35.94
C ILE A 714 -12.69 16.56 36.92
N LEU A 715 -11.73 17.35 36.39
CA LEU A 715 -10.73 17.95 37.27
C LEU A 715 -11.37 18.86 38.30
N SER A 716 -12.34 19.68 37.86
CA SER A 716 -13.05 20.54 38.81
C SER A 716 -13.84 19.72 39.82
N LEU A 717 -14.52 18.67 39.34
CA LEU A 717 -15.28 17.82 40.25
C LEU A 717 -14.37 17.11 41.24
N TYR A 718 -13.29 16.50 40.75
CA TYR A 718 -12.41 15.73 41.62
C TYR A 718 -11.73 16.63 42.66
N GLU A 719 -11.13 17.73 42.21
CA GLU A 719 -10.37 18.57 43.12
C GLU A 719 -11.25 19.18 44.19
N LYS A 720 -12.46 19.63 43.82
CA LYS A 720 -13.38 20.17 44.81
C LYS A 720 -13.78 19.11 45.82
N ARG A 721 -14.11 17.91 45.35
CA ARG A 721 -14.52 16.85 46.26
C ARG A 721 -13.36 16.42 47.15
N SER A 722 -12.18 16.22 46.56
CA SER A 722 -10.98 15.84 47.30
C SER A 722 -10.13 17.09 47.50
N ASN A 723 -10.55 17.91 48.47
CA ASN A 723 -9.79 19.10 48.80
C ASN A 723 -8.42 18.71 49.35
N TYR A 724 -7.38 19.37 48.86
CA TYR A 724 -6.01 19.08 49.26
C TYR A 724 -5.27 20.36 49.57
N LYS A 725 -4.49 20.33 50.65
CA LYS A 725 -3.61 21.44 51.03
C LYS A 725 -2.16 20.98 50.88
N GLN A 726 -1.39 21.70 50.08
CA GLN A 726 -0.01 21.32 49.82
C GLN A 726 0.86 21.58 51.03
N PHE A 737 19.70 15.26 37.44
CA PHE A 737 19.75 16.20 36.33
C PHE A 737 19.13 17.54 36.73
N LEU A 738 17.80 17.57 36.79
CA LEU A 738 17.04 18.74 37.22
C LEU A 738 17.63 20.03 36.65
N LYS A 739 17.62 21.12 37.43
CA LYS A 739 18.10 22.39 36.93
C LYS A 739 19.60 22.40 36.64
N THR A 740 20.35 21.45 37.22
CA THR A 740 21.79 21.43 36.99
C THR A 740 22.11 21.21 35.51
N PHE A 741 21.37 20.32 34.85
CA PHE A 741 21.62 20.05 33.44
C PHE A 741 21.34 21.28 32.58
N TYR A 742 20.28 22.02 32.91
CA TYR A 742 19.91 23.18 32.09
C TYR A 742 21.00 24.23 32.06
N PHE A 743 21.92 24.23 33.03
CA PHE A 743 23.05 25.15 33.03
C PHE A 743 24.28 24.55 32.38
N LYS A 744 24.55 23.26 32.65
CA LYS A 744 25.72 22.62 32.04
C LYS A 744 25.57 22.53 30.53
N MET A 745 24.38 22.20 30.04
CA MET A 745 24.16 22.10 28.60
C MET A 745 24.20 23.46 27.92
N LEU A 746 23.71 24.51 28.60
CA LEU A 746 23.76 25.84 28.02
C LEU A 746 25.16 26.43 28.02
N THR A 747 26.12 25.78 28.69
CA THR A 747 27.52 26.16 28.55
C THR A 747 28.10 25.70 27.22
N GLN A 748 27.52 24.67 26.61
CA GLN A 748 28.00 24.11 25.34
C GLN A 748 27.09 24.51 24.19
N LYS A 749 26.59 25.75 24.22
CA LYS A 749 25.68 26.20 23.16
C LYS A 749 26.32 26.06 21.78
N ARG A 750 27.52 26.61 21.62
CA ARG A 750 28.17 26.56 20.31
C ARG A 750 28.53 25.13 19.93
N LEU A 751 29.02 24.34 20.89
CA LEU A 751 29.32 22.94 20.60
C LEU A 751 28.05 22.17 20.26
N ILE A 752 26.95 22.47 20.93
CA ILE A 752 25.68 21.81 20.65
C ILE A 752 25.25 22.09 19.21
N ILE A 753 25.34 23.35 18.80
CA ILE A 753 24.90 23.71 17.45
C ILE A 753 25.78 23.05 16.40
N ILE A 754 27.09 22.96 16.68
CA ILE A 754 27.99 22.30 15.74
C ILE A 754 27.67 20.82 15.62
N ILE A 755 27.33 20.18 16.73
CA ILE A 755 26.98 18.76 16.70
C ILE A 755 25.69 18.55 15.93
N PHE A 756 24.67 19.38 16.19
CA PHE A 756 23.40 19.24 15.50
C PHE A 756 23.47 19.77 14.06
N SER A 757 24.25 20.84 13.83
CA SER A 757 24.42 21.33 12.47
C SER A 757 25.08 20.27 11.60
N ALA A 758 26.13 19.62 12.11
CA ALA A 758 26.76 18.54 11.36
C ALA A 758 25.79 17.39 11.14
N TRP A 759 25.00 17.05 12.16
CA TRP A 759 24.03 15.97 12.02
C TRP A 759 23.03 16.27 10.92
N PHE A 760 22.54 17.51 10.86
CA PHE A 760 21.61 17.90 9.82
C PHE A 760 22.27 17.83 8.44
N PHE A 761 23.51 18.31 8.32
CA PHE A 761 24.19 18.29 7.04
C PHE A 761 24.55 16.87 6.62
N THR A 762 24.96 16.03 7.57
CA THR A 762 25.18 14.62 7.26
C THR A 762 23.88 13.95 6.84
N SER A 763 22.76 14.33 7.46
CA SER A 763 21.48 13.75 7.10
C SER A 763 21.08 14.10 5.67
N LEU A 764 21.35 15.34 5.24
CA LEU A 764 21.01 15.73 3.89
C LEU A 764 21.71 14.85 2.86
N VAL A 765 22.92 14.39 3.16
CA VAL A 765 23.65 13.54 2.22
C VAL A 765 22.95 12.20 2.04
N PHE A 766 22.27 11.70 3.08
CA PHE A 766 21.64 10.40 3.03
C PHE A 766 20.21 10.44 2.51
N LEU A 767 19.63 11.63 2.34
CA LEU A 767 18.26 11.69 1.84
C LEU A 767 18.10 11.06 0.46
N PRO A 768 19.00 11.28 -0.50
CA PRO A 768 18.87 10.57 -1.80
C PRO A 768 18.97 9.06 -1.67
N GLU A 769 19.38 8.54 -0.52
CA GLU A 769 19.57 7.10 -0.32
C GLU A 769 18.30 6.41 0.17
N ILE A 770 17.19 7.12 0.32
CA ILE A 770 15.94 6.50 0.75
C ILE A 770 15.37 5.68 -0.40
N GLN A 771 14.95 4.45 -0.09
CA GLN A 771 14.42 3.53 -1.10
C GLN A 771 12.91 3.58 -1.11
N PHE A 772 12.34 3.44 -2.30
CA PHE A 772 10.89 3.43 -2.48
C PHE A 772 10.36 2.01 -2.42
N GLY A 773 9.11 1.87 -1.99
CA GLY A 773 8.43 0.60 -1.99
C GLY A 773 7.83 0.27 -0.64
N LEU A 774 6.96 -0.74 -0.66
CA LEU A 774 6.36 -1.30 0.55
C LEU A 774 6.34 -2.82 0.37
N ASP A 775 7.30 -3.49 1.00
CA ASP A 775 7.40 -4.94 0.85
C ASP A 775 6.10 -5.62 1.27
N GLN A 776 5.59 -6.49 0.40
CA GLN A 776 4.31 -7.13 0.66
C GLN A 776 4.38 -8.09 1.84
N THR A 777 5.54 -8.69 2.09
CA THR A 777 5.68 -9.59 3.23
C THR A 777 5.37 -8.86 4.54
N LEU A 778 5.71 -7.58 4.62
CA LEU A 778 5.42 -6.82 5.84
C LEU A 778 3.92 -6.55 5.99
N ALA A 779 3.20 -6.44 4.87
CA ALA A 779 1.79 -6.09 4.94
C ALA A 779 0.94 -7.18 5.58
N VAL A 780 1.34 -8.43 5.41
CA VAL A 780 0.56 -9.56 5.94
C VAL A 780 1.15 -9.98 7.29
N PRO A 781 0.40 -10.70 8.13
CA PRO A 781 0.96 -11.16 9.40
C PRO A 781 2.20 -12.01 9.19
N GLN A 782 3.17 -11.87 10.09
CA GLN A 782 4.42 -12.61 9.95
C GLN A 782 4.20 -14.11 10.00
N ASP A 783 3.13 -14.56 10.65
CA ASP A 783 2.81 -15.98 10.72
C ASP A 783 1.97 -16.45 9.53
N SER A 784 1.60 -15.55 8.62
CA SER A 784 0.78 -15.93 7.49
C SER A 784 1.55 -16.85 6.54
N TYR A 785 0.80 -17.69 5.82
CA TYR A 785 1.41 -18.53 4.80
C TYR A 785 1.80 -17.73 3.56
N LEU A 786 1.27 -16.51 3.42
CA LEU A 786 1.63 -15.67 2.28
C LEU A 786 3.05 -15.14 2.39
N VAL A 787 3.60 -15.06 3.60
CA VAL A 787 4.99 -14.64 3.75
C VAL A 787 5.92 -15.60 3.04
N ASP A 788 5.69 -16.90 3.22
CA ASP A 788 6.48 -17.90 2.51
C ASP A 788 6.26 -17.83 1.00
N TYR A 789 5.01 -17.61 0.58
CA TYR A 789 4.72 -17.54 -0.85
C TYR A 789 5.43 -16.36 -1.50
N PHE A 790 5.40 -15.19 -0.86
CA PHE A 790 6.05 -14.02 -1.44
C PHE A 790 7.55 -14.24 -1.57
N LYS A 791 8.16 -14.89 -0.58
CA LYS A 791 9.57 -15.23 -0.69
C LYS A 791 9.83 -16.20 -1.84
N ASP A 792 8.91 -17.16 -2.03
CA ASP A 792 9.08 -18.12 -3.12
C ASP A 792 8.98 -17.45 -4.48
N VAL A 793 8.09 -16.46 -4.63
CA VAL A 793 7.96 -15.76 -5.90
C VAL A 793 9.26 -15.06 -6.24
N TYR A 794 9.81 -14.30 -5.28
CA TYR A 794 11.08 -13.62 -5.50
C TYR A 794 12.21 -14.60 -5.73
N SER A 795 12.12 -15.79 -5.13
CA SER A 795 13.22 -16.76 -5.16
C SER A 795 13.15 -17.69 -6.37
N PHE A 796 11.94 -18.08 -6.80
CA PHE A 796 11.79 -19.19 -7.73
C PHE A 796 11.00 -18.85 -8.99
N LEU A 797 10.22 -17.79 -9.01
CA LEU A 797 9.38 -17.48 -10.17
C LEU A 797 10.25 -16.85 -11.25
N ASN A 798 10.44 -17.58 -12.36
CA ASN A 798 11.29 -17.14 -13.46
C ASN A 798 10.49 -16.52 -14.60
N VAL A 799 9.31 -15.99 -14.31
CA VAL A 799 8.54 -15.21 -15.27
C VAL A 799 8.02 -13.97 -14.56
N GLY A 800 7.73 -12.94 -15.35
CA GLY A 800 7.17 -11.71 -14.84
C GLY A 800 5.71 -11.57 -15.18
N PRO A 801 5.04 -10.59 -14.59
CA PRO A 801 3.62 -10.40 -14.87
C PRO A 801 3.40 -10.07 -16.33
N PRO A 802 2.30 -10.52 -16.93
CA PRO A 802 2.02 -10.19 -18.33
C PRO A 802 1.72 -8.72 -18.51
N VAL A 803 2.05 -8.21 -19.69
CA VAL A 803 1.75 -6.84 -20.09
C VAL A 803 0.88 -6.88 -21.33
N TYR A 804 -0.23 -6.16 -21.30
CA TYR A 804 -1.16 -6.06 -22.42
C TYR A 804 -1.07 -4.65 -23.00
N MET A 805 -0.71 -4.55 -24.28
CA MET A 805 -0.75 -3.29 -25.00
C MET A 805 -2.14 -3.15 -25.62
N VAL A 806 -2.97 -2.30 -25.03
CA VAL A 806 -4.34 -2.10 -25.49
C VAL A 806 -4.34 -0.93 -26.47
N VAL A 807 -4.75 -1.20 -27.70
CA VAL A 807 -4.84 -0.19 -28.75
C VAL A 807 -6.31 -0.03 -29.09
N LYS A 808 -6.82 1.19 -28.97
CA LYS A 808 -8.23 1.48 -29.16
C LYS A 808 -8.42 2.56 -30.23
N ASN A 809 -9.57 2.50 -30.89
CA ASN A 809 -9.98 3.53 -31.85
C ASN A 809 -8.93 3.74 -32.93
N LEU A 810 -8.35 2.65 -33.41
CA LEU A 810 -7.44 2.68 -34.54
C LEU A 810 -8.12 1.99 -35.72
N ASP A 811 -8.30 2.72 -36.82
CA ASP A 811 -8.98 2.19 -38.00
C ASP A 811 -8.00 1.29 -38.73
N LEU A 812 -7.98 0.01 -38.33
CA LEU A 812 -7.07 -0.95 -38.91
C LEU A 812 -7.47 -1.37 -40.33
N THR A 813 -8.59 -0.88 -40.83
CA THR A 813 -8.98 -1.15 -42.22
C THR A 813 -8.18 -0.33 -43.22
N LYS A 814 -7.43 0.67 -42.75
CA LYS A 814 -6.60 1.50 -43.61
C LYS A 814 -5.16 1.04 -43.54
N ARG A 815 -4.46 1.10 -44.68
CA ARG A 815 -3.09 0.60 -44.74
C ARG A 815 -2.18 1.38 -43.81
N GLN A 816 -2.34 2.70 -43.76
CA GLN A 816 -1.45 3.53 -42.95
C GLN A 816 -1.57 3.18 -41.47
N ASN A 817 -2.80 2.99 -40.98
CA ASN A 817 -2.99 2.68 -39.57
C ASN A 817 -2.41 1.33 -39.21
N GLN A 818 -2.61 0.32 -40.05
CA GLN A 818 -2.07 -1.00 -39.77
C GLN A 818 -0.56 -1.04 -39.94
N GLN A 819 0.03 -0.11 -40.70
CA GLN A 819 1.48 -0.01 -40.76
C GLN A 819 2.07 0.46 -39.45
N LYS A 820 1.29 1.15 -38.62
CA LYS A 820 1.75 1.61 -37.31
C LYS A 820 1.81 0.51 -36.27
N ILE A 821 1.33 -0.69 -36.60
CA ILE A 821 1.29 -1.80 -35.66
C ILE A 821 2.22 -2.94 -36.09
N CYS A 822 2.26 -3.26 -37.38
CA CYS A 822 3.00 -4.42 -37.84
C CYS A 822 4.51 -4.21 -37.70
N GLY A 823 5.22 -5.33 -37.68
CA GLY A 823 6.67 -5.30 -37.64
C GLY A 823 7.30 -6.38 -38.50
N LYS A 824 6.47 -7.09 -39.27
CA LYS A 824 6.91 -8.20 -40.10
C LYS A 824 7.00 -7.85 -41.58
N PHE A 825 6.75 -6.59 -41.94
CA PHE A 825 6.67 -6.18 -43.33
C PHE A 825 7.51 -4.93 -43.55
N THR A 826 8.03 -4.80 -44.78
CA THR A 826 9.01 -3.76 -45.07
C THR A 826 8.40 -2.36 -45.07
N THR A 827 7.08 -2.25 -45.20
CA THR A 827 6.43 -0.94 -45.23
C THR A 827 5.95 -0.47 -43.86
N CYS A 828 6.02 -1.32 -42.83
CA CYS A 828 5.65 -0.89 -41.49
C CYS A 828 6.56 0.24 -41.04
N GLU A 829 6.00 1.19 -40.30
CA GLU A 829 6.77 2.35 -39.87
C GLU A 829 7.93 1.92 -38.98
N ARG A 830 9.04 2.66 -39.07
CA ARG A 830 10.20 2.35 -38.26
C ARG A 830 9.89 2.42 -36.77
N ASP A 831 8.89 3.23 -36.40
CA ASP A 831 8.48 3.38 -35.00
C ASP A 831 7.12 2.73 -34.74
N SER A 832 6.80 1.67 -35.48
CA SER A 832 5.55 0.97 -35.28
C SER A 832 5.52 0.28 -33.92
N LEU A 833 4.34 -0.19 -33.53
CA LEU A 833 4.19 -0.82 -32.22
C LEU A 833 5.08 -2.06 -32.11
N ALA A 834 5.09 -2.89 -33.14
CA ALA A 834 5.93 -4.08 -33.12
C ALA A 834 7.41 -3.71 -33.16
N ASN A 835 7.78 -2.74 -33.99
CA ASN A 835 9.19 -2.38 -34.14
C ASN A 835 9.73 -1.77 -32.86
N VAL A 836 9.00 -0.82 -32.27
CA VAL A 836 9.48 -0.15 -31.08
C VAL A 836 9.61 -1.14 -29.92
N LEU A 837 8.59 -1.99 -29.75
CA LEU A 837 8.59 -2.91 -28.61
C LEU A 837 9.72 -3.93 -28.72
N GLU A 838 10.09 -4.32 -29.94
CA GLU A 838 11.22 -5.22 -30.10
C GLU A 838 12.51 -4.58 -29.60
N GLN A 839 12.67 -3.27 -29.84
CA GLN A 839 13.83 -2.57 -29.32
C GLN A 839 13.83 -2.55 -27.80
N GLU A 840 12.66 -2.35 -27.19
CA GLU A 840 12.57 -2.26 -25.74
C GLU A 840 12.93 -3.58 -25.05
N ARG A 841 12.90 -4.70 -25.78
CA ARG A 841 13.21 -5.98 -25.16
C ARG A 841 14.64 -6.02 -24.64
N HIS A 842 15.56 -5.35 -25.33
CA HIS A 842 16.96 -5.27 -24.92
C HIS A 842 17.27 -3.97 -24.19
N ARG A 843 16.25 -3.20 -23.81
CA ARG A 843 16.45 -1.88 -23.23
C ARG A 843 15.55 -1.61 -22.03
N SER A 844 14.69 -2.54 -21.63
CA SER A 844 13.71 -2.28 -20.59
C SER A 844 13.36 -3.60 -19.90
N THR A 845 12.35 -3.55 -19.03
CA THR A 845 11.90 -4.74 -18.31
C THR A 845 10.99 -5.63 -19.13
N ILE A 846 10.31 -5.07 -20.14
CA ILE A 846 9.44 -5.86 -21.00
C ILE A 846 10.31 -6.57 -22.04
N THR A 847 10.75 -7.78 -21.71
CA THR A 847 11.73 -8.50 -22.51
C THR A 847 11.16 -9.70 -23.25
N GLU A 848 9.83 -9.89 -23.21
CA GLU A 848 9.25 -11.06 -23.86
C GLU A 848 8.70 -10.70 -25.23
N PRO A 849 8.61 -11.67 -26.15
CA PRO A 849 8.08 -11.37 -27.48
C PRO A 849 6.64 -10.90 -27.41
N LEU A 850 6.30 -9.96 -28.29
CA LEU A 850 4.95 -9.40 -28.34
C LEU A 850 4.08 -10.25 -29.27
N ALA A 851 2.95 -10.71 -28.74
CA ALA A 851 1.98 -11.47 -29.53
C ALA A 851 1.21 -10.49 -30.40
N ASN A 852 1.67 -10.34 -31.64
CA ASN A 852 1.05 -9.41 -32.58
C ASN A 852 -0.03 -10.15 -33.36
N TRP A 853 -1.29 -9.86 -33.04
CA TRP A 853 -2.39 -10.48 -33.76
C TRP A 853 -2.51 -9.96 -35.18
N LEU A 854 -2.20 -8.68 -35.40
CA LEU A 854 -2.32 -8.10 -36.74
C LEU A 854 -1.32 -8.74 -37.70
N ASP A 855 -0.10 -8.99 -37.24
CA ASP A 855 0.87 -9.69 -38.06
C ASP A 855 0.42 -11.12 -38.33
N ASP A 856 -0.11 -11.80 -37.30
CA ASP A 856 -0.60 -13.15 -37.49
C ASP A 856 -1.75 -13.19 -38.48
N TYR A 857 -2.66 -12.21 -38.41
CA TYR A 857 -3.77 -12.16 -39.36
C TYR A 857 -3.26 -11.99 -40.79
N PHE A 858 -2.25 -11.13 -40.99
CA PHE A 858 -1.69 -10.96 -42.32
C PHE A 858 -0.89 -12.19 -42.74
N MET A 859 -0.16 -12.81 -41.80
CA MET A 859 0.51 -14.06 -42.10
C MET A 859 -0.49 -15.15 -42.45
N PHE A 860 -1.63 -15.16 -41.76
CA PHE A 860 -2.67 -16.15 -42.04
C PHE A 860 -3.19 -16.02 -43.46
N LEU A 861 -3.08 -14.84 -44.06
CA LEU A 861 -3.54 -14.59 -45.42
C LEU A 861 -2.51 -14.97 -46.47
N ASN A 862 -1.34 -15.43 -46.09
CA ASN A 862 -0.29 -15.75 -47.06
C ASN A 862 -0.73 -16.91 -47.93
N PRO A 863 -0.78 -16.75 -49.25
CA PRO A 863 -1.15 -17.90 -50.10
C PRO A 863 -0.21 -19.08 -49.94
N GLN A 864 1.04 -18.85 -49.54
CA GLN A 864 1.95 -19.96 -49.29
C GLN A 864 1.39 -20.90 -48.23
N ASN A 865 0.60 -20.37 -47.29
CA ASN A 865 -0.11 -21.20 -46.32
C ASN A 865 -1.40 -21.68 -46.97
N ASP A 866 -1.26 -22.72 -47.81
CA ASP A 866 -2.39 -23.22 -48.57
C ASP A 866 -3.52 -23.72 -47.68
N GLN A 867 -3.23 -24.05 -46.42
CA GLN A 867 -4.24 -24.52 -45.49
C GLN A 867 -4.87 -23.39 -44.68
N CYS A 868 -4.46 -22.15 -44.90
CA CYS A 868 -4.98 -20.99 -44.18
C CYS A 868 -5.77 -20.11 -45.13
N CYS A 869 -6.95 -19.68 -44.69
CA CYS A 869 -7.83 -18.82 -45.48
C CYS A 869 -8.20 -19.49 -46.80
N ARG A 870 -8.89 -20.62 -46.68
CA ARG A 870 -9.39 -21.36 -47.83
C ARG A 870 -10.85 -21.00 -48.06
N LEU A 871 -11.19 -20.66 -49.30
CA LEU A 871 -12.55 -20.31 -49.68
C LEU A 871 -13.04 -21.27 -50.76
N LYS A 872 -14.34 -21.55 -50.73
CA LYS A 872 -14.93 -22.38 -51.77
C LYS A 872 -14.70 -21.75 -53.13
N LYS A 873 -14.24 -22.55 -54.09
CA LYS A 873 -13.88 -22.02 -55.40
C LYS A 873 -15.07 -21.34 -56.05
N GLY A 874 -14.85 -20.13 -56.55
CA GLY A 874 -15.91 -19.36 -57.17
C GLY A 874 -16.89 -18.74 -56.21
N THR A 875 -16.64 -18.82 -54.90
CA THR A 875 -17.53 -18.28 -53.90
C THR A 875 -16.71 -17.65 -52.78
N ASP A 876 -17.27 -16.62 -52.16
CA ASP A 876 -16.64 -15.95 -51.01
C ASP A 876 -17.19 -16.51 -49.70
N GLU A 877 -16.96 -17.81 -49.51
CA GLU A 877 -17.38 -18.52 -48.31
C GLU A 877 -16.24 -19.35 -47.77
N VAL A 878 -16.19 -19.49 -46.45
CA VAL A 878 -15.10 -20.22 -45.81
C VAL A 878 -15.16 -21.69 -46.22
N CYS A 879 -14.02 -22.23 -46.60
CA CYS A 879 -13.94 -23.64 -46.97
C CYS A 879 -14.17 -24.52 -45.75
N PRO A 880 -15.13 -25.44 -45.76
CA PRO A 880 -15.32 -26.32 -44.61
C PRO A 880 -14.08 -27.15 -44.34
N PRO A 881 -13.77 -27.42 -43.06
CA PRO A 881 -12.58 -28.23 -42.77
C PRO A 881 -12.62 -29.62 -43.41
N SER A 882 -13.81 -30.21 -43.51
CA SER A 882 -13.91 -31.55 -44.11
C SER A 882 -13.75 -31.51 -45.62
N PHE A 883 -13.90 -30.36 -46.25
CA PHE A 883 -13.77 -30.29 -47.69
C PHE A 883 -12.35 -30.69 -48.10
N PRO A 884 -12.18 -31.48 -49.15
CA PRO A 884 -10.84 -31.89 -49.58
C PRO A 884 -10.20 -30.81 -50.45
N SER A 885 -8.93 -31.05 -50.80
CA SER A 885 -8.22 -30.12 -51.65
C SER A 885 -8.79 -30.13 -53.07
N ARG A 886 -8.52 -29.07 -53.81
CA ARG A 886 -8.98 -28.80 -55.17
C ARG A 886 -10.45 -28.36 -55.19
N ARG A 887 -11.15 -28.39 -54.06
CA ARG A 887 -12.51 -27.86 -53.96
C ARG A 887 -12.57 -26.48 -53.35
N CYS A 888 -11.42 -25.87 -53.06
CA CYS A 888 -11.37 -24.57 -52.42
C CYS A 888 -10.13 -23.84 -52.90
N GLU A 889 -10.17 -22.51 -52.76
CA GLU A 889 -9.07 -21.65 -53.19
C GLU A 889 -8.70 -20.70 -52.06
N THR A 890 -7.41 -20.37 -51.97
CA THR A 890 -6.95 -19.45 -50.96
C THR A 890 -7.55 -18.06 -51.18
N CYS A 891 -7.79 -17.35 -50.08
CA CYS A 891 -8.37 -16.02 -50.18
C CYS A 891 -7.55 -15.12 -51.08
N PHE A 892 -6.23 -15.32 -51.10
CA PHE A 892 -5.32 -14.51 -51.91
C PHE A 892 -4.55 -15.39 -52.86
N GLN A 893 -4.32 -14.89 -54.07
CA GLN A 893 -3.54 -15.63 -55.06
C GLN A 893 -2.04 -15.37 -54.84
N GLN A 894 -1.22 -16.17 -55.50
CA GLN A 894 0.22 -16.14 -55.25
C GLN A 894 0.81 -14.76 -55.54
N GLY A 895 0.18 -13.98 -56.41
CA GLY A 895 0.69 -12.67 -56.77
C GLY A 895 0.12 -11.50 -56.02
N SER A 896 -0.96 -11.71 -55.25
CA SER A 896 -1.58 -10.61 -54.52
C SER A 896 -0.83 -10.32 -53.23
N TRP A 897 -0.64 -11.33 -52.39
CA TRP A 897 0.07 -11.14 -51.13
C TRP A 897 1.52 -10.76 -51.38
N ASN A 898 1.98 -9.70 -50.72
CA ASN A 898 3.36 -9.24 -50.84
C ASN A 898 3.88 -8.87 -49.46
N TYR A 899 5.19 -8.97 -49.29
CA TYR A 899 5.81 -8.67 -48.00
C TYR A 899 5.92 -7.17 -47.74
N ASN A 900 5.63 -6.32 -48.73
CA ASN A 900 5.53 -4.89 -48.51
C ASN A 900 4.09 -4.43 -48.38
N MET A 901 3.18 -5.34 -48.00
CA MET A 901 1.78 -5.03 -47.74
C MET A 901 1.02 -4.62 -48.99
N SER A 902 1.57 -4.88 -50.18
CA SER A 902 0.85 -4.62 -51.41
C SER A 902 -0.17 -5.73 -51.63
N GLY A 903 -1.43 -5.34 -51.80
CA GLY A 903 -2.52 -6.29 -51.93
C GLY A 903 -3.13 -6.75 -50.62
N PHE A 904 -2.60 -6.33 -49.48
CA PHE A 904 -3.19 -6.68 -48.21
C PHE A 904 -4.60 -6.12 -48.12
N PRO A 905 -5.50 -6.77 -47.40
CA PRO A 905 -6.89 -6.33 -47.38
C PRO A 905 -7.05 -4.95 -46.76
N GLU A 906 -8.05 -4.22 -47.25
CA GLU A 906 -8.36 -2.89 -46.77
C GLU A 906 -9.86 -2.68 -46.78
N GLY A 907 -10.31 -1.70 -45.99
CA GLY A 907 -11.72 -1.39 -45.95
C GLY A 907 -12.54 -2.57 -45.48
N LYS A 908 -13.63 -2.85 -46.19
CA LYS A 908 -14.49 -3.97 -45.81
C LYS A 908 -13.82 -5.31 -46.04
N ASP A 909 -12.84 -5.39 -46.94
CA ASP A 909 -12.11 -6.64 -47.12
C ASP A 909 -11.33 -7.01 -45.87
N PHE A 910 -10.77 -6.01 -45.18
CA PHE A 910 -10.05 -6.28 -43.94
C PHE A 910 -10.94 -7.01 -42.94
N MET A 911 -12.16 -6.52 -42.74
CA MET A 911 -13.06 -7.15 -41.78
C MET A 911 -13.64 -8.45 -42.34
N GLU A 912 -13.72 -8.57 -43.66
CA GLU A 912 -14.26 -9.79 -44.26
C GLU A 912 -13.41 -11.00 -43.91
N TYR A 913 -12.10 -10.92 -44.17
CA TYR A 913 -11.22 -12.03 -43.89
C TYR A 913 -10.81 -12.12 -42.42
N LEU A 914 -11.01 -11.05 -41.66
CA LEU A 914 -10.71 -11.11 -40.23
C LEU A 914 -11.62 -12.11 -39.52
N SER A 915 -12.89 -12.16 -39.92
CA SER A 915 -13.81 -13.13 -39.33
C SER A 915 -13.33 -14.55 -39.62
N ILE A 916 -12.81 -14.80 -40.82
CA ILE A 916 -12.28 -16.12 -41.15
C ILE A 916 -11.09 -16.44 -40.27
N TRP A 917 -10.16 -15.49 -40.14
CA TRP A 917 -8.94 -15.74 -39.38
C TRP A 917 -9.23 -15.96 -37.91
N ILE A 918 -10.09 -15.13 -37.31
CA ILE A 918 -10.34 -15.20 -35.88
C ILE A 918 -11.25 -16.37 -35.49
N ASN A 919 -11.73 -17.14 -36.46
CA ASN A 919 -12.52 -18.33 -36.20
C ASN A 919 -11.83 -19.62 -36.63
N ALA A 920 -10.74 -19.53 -37.37
CA ALA A 920 -10.07 -20.72 -37.86
C ALA A 920 -9.43 -21.48 -36.70
N PRO A 921 -9.54 -22.81 -36.66
CA PRO A 921 -8.83 -23.57 -35.63
C PRO A 921 -7.34 -23.61 -35.92
N SER A 922 -6.57 -23.84 -34.84
CA SER A 922 -5.12 -23.93 -34.95
C SER A 922 -4.64 -25.30 -35.40
N ASP A 923 -5.53 -26.28 -35.52
CA ASP A 923 -5.10 -27.63 -35.88
C ASP A 923 -4.63 -27.68 -37.34
N PRO A 924 -5.48 -27.44 -38.34
CA PRO A 924 -4.98 -27.49 -39.72
C PRO A 924 -4.09 -26.31 -40.07
N CYS A 925 -4.47 -25.10 -39.66
CA CYS A 925 -3.68 -23.90 -39.93
C CYS A 925 -3.13 -23.36 -38.61
N PRO A 926 -1.82 -23.44 -38.35
CA PRO A 926 -1.30 -22.92 -37.07
C PRO A 926 -1.51 -21.43 -36.90
N LEU A 927 -1.74 -20.69 -37.98
CA LEU A 927 -1.90 -19.25 -37.91
C LEU A 927 -3.34 -18.83 -37.62
N GLY A 928 -4.26 -19.78 -37.45
CA GLY A 928 -5.62 -19.46 -37.08
C GLY A 928 -5.69 -18.67 -35.79
N GLY A 929 -6.45 -17.59 -35.78
CA GLY A 929 -6.49 -16.67 -34.67
C GLY A 929 -7.55 -16.92 -33.62
N ARG A 930 -8.27 -18.05 -33.70
CA ARG A 930 -9.32 -18.30 -32.72
C ARG A 930 -8.75 -18.61 -31.35
N ALA A 931 -7.96 -19.68 -31.24
CA ALA A 931 -7.40 -20.05 -29.95
C ALA A 931 -6.54 -18.95 -29.35
N PRO A 932 -5.60 -18.33 -30.09
CA PRO A 932 -4.74 -17.31 -29.47
C PRO A 932 -5.38 -15.93 -29.33
N TYR A 933 -6.31 -15.58 -30.23
CA TYR A 933 -6.79 -14.20 -30.31
C TYR A 933 -8.32 -14.10 -30.37
N SER A 934 -9.04 -15.13 -29.91
CA SER A 934 -10.50 -15.02 -29.91
C SER A 934 -10.97 -13.89 -29.00
N THR A 935 -10.36 -13.76 -27.82
CA THR A 935 -10.72 -12.73 -26.86
C THR A 935 -9.79 -11.52 -26.91
N ALA A 936 -8.82 -11.52 -27.82
CA ALA A 936 -7.86 -10.42 -27.91
C ALA A 936 -8.39 -9.23 -28.71
N LEU A 937 -9.53 -9.39 -29.40
CA LEU A 937 -10.08 -8.36 -30.26
C LEU A 937 -11.50 -8.02 -29.84
N VAL A 938 -11.80 -6.73 -29.81
CA VAL A 938 -13.17 -6.23 -29.68
C VAL A 938 -13.52 -5.60 -31.01
N TYR A 939 -14.48 -6.19 -31.73
CA TYR A 939 -14.76 -5.81 -33.10
C TYR A 939 -16.21 -6.11 -33.43
N ASN A 940 -16.61 -5.64 -34.62
CA ASN A 940 -17.89 -6.00 -35.20
C ASN A 940 -17.68 -6.20 -36.70
N GLU A 941 -18.77 -6.23 -37.47
CA GLU A 941 -18.66 -6.54 -38.88
C GLU A 941 -17.96 -5.43 -39.67
N THR A 942 -17.81 -4.23 -39.11
CA THR A 942 -17.29 -3.10 -39.86
C THR A 942 -16.05 -2.46 -39.26
N SER A 943 -15.61 -2.84 -38.08
CA SER A 943 -14.43 -2.21 -37.49
C SER A 943 -13.98 -2.98 -36.27
N VAL A 944 -12.68 -2.88 -35.98
CA VAL A 944 -12.10 -3.36 -34.73
C VAL A 944 -12.01 -2.15 -33.81
N SER A 945 -12.84 -2.14 -32.77
CA SER A 945 -12.86 -0.98 -31.86
C SER A 945 -11.65 -0.98 -30.95
N ALA A 946 -11.19 -2.15 -30.51
CA ALA A 946 -10.03 -2.25 -29.64
C ALA A 946 -9.41 -3.63 -29.81
N SER A 947 -8.15 -3.73 -29.41
CA SER A 947 -7.42 -4.99 -29.51
C SER A 947 -6.28 -4.96 -28.49
N VAL A 948 -5.71 -6.13 -28.25
CA VAL A 948 -4.71 -6.32 -27.20
C VAL A 948 -3.49 -7.00 -27.82
N PHE A 949 -2.31 -6.52 -27.45
CA PHE A 949 -1.04 -7.14 -27.80
C PHE A 949 -0.34 -7.53 -26.51
N ARG A 950 -0.06 -8.82 -26.36
CA ARG A 950 0.38 -9.37 -25.08
C ARG A 950 1.90 -9.58 -25.07
N THR A 951 2.55 -9.03 -24.05
CA THR A 951 3.94 -9.31 -23.76
C THR A 951 4.05 -9.47 -22.24
N ALA A 952 5.28 -9.47 -21.72
CA ALA A 952 5.44 -9.65 -20.28
C ALA A 952 6.76 -9.03 -19.84
N HIS A 953 6.80 -8.69 -18.55
CA HIS A 953 8.03 -8.24 -17.91
C HIS A 953 8.93 -9.44 -17.62
N HIS A 954 10.22 -9.16 -17.45
CA HIS A 954 11.11 -10.16 -16.89
C HIS A 954 10.81 -10.31 -15.41
N PRO A 955 11.27 -11.39 -14.79
CA PRO A 955 10.92 -11.64 -13.38
C PRO A 955 11.27 -10.44 -12.50
N LEU A 956 10.29 -9.98 -11.73
CA LEU A 956 10.46 -8.87 -10.81
C LEU A 956 10.63 -9.43 -9.41
N ARG A 957 11.80 -9.17 -8.81
CA ARG A 957 12.18 -9.82 -7.56
C ARG A 957 12.44 -8.81 -6.44
N SER A 958 11.89 -7.60 -6.54
CA SER A 958 12.07 -6.60 -5.50
C SER A 958 11.12 -5.44 -5.78
N GLN A 959 10.95 -4.60 -4.76
CA GLN A 959 10.16 -3.39 -4.94
C GLN A 959 10.75 -2.51 -6.04
N LYS A 960 12.09 -2.48 -6.14
CA LYS A 960 12.72 -1.72 -7.21
C LYS A 960 12.35 -2.28 -8.57
N ASP A 961 12.32 -3.60 -8.71
CA ASP A 961 11.93 -4.21 -9.97
C ASP A 961 10.50 -3.84 -10.36
N PHE A 962 9.58 -3.92 -9.40
CA PHE A 962 8.19 -3.57 -9.70
C PHE A 962 8.06 -2.10 -10.08
N ILE A 963 8.77 -1.22 -9.38
CA ILE A 963 8.71 0.20 -9.71
C ILE A 963 9.31 0.45 -11.09
N GLN A 964 10.43 -0.19 -11.39
CA GLN A 964 11.03 -0.04 -12.72
C GLN A 964 10.13 -0.62 -13.79
N ALA A 965 9.51 -1.77 -13.51
CA ALA A 965 8.58 -2.36 -14.47
C ALA A 965 7.39 -1.44 -14.73
N TYR A 966 6.84 -0.85 -13.67
CA TYR A 966 5.76 0.11 -13.84
C TYR A 966 6.22 1.32 -14.64
N SER A 967 7.44 1.79 -14.37
CA SER A 967 7.97 2.95 -15.10
C SER A 967 8.11 2.63 -16.59
N ASP A 968 8.56 1.42 -16.91
CA ASP A 968 8.72 1.04 -18.32
C ASP A 968 7.38 1.04 -19.04
N GLY A 969 6.33 0.53 -18.38
CA GLY A 969 5.02 0.51 -19.02
C GLY A 969 4.50 1.89 -19.34
N VAL A 970 4.66 2.82 -18.39
CA VAL A 970 4.22 4.20 -18.64
C VAL A 970 5.06 4.84 -19.73
N ARG A 971 6.37 4.62 -19.71
CA ARG A 971 7.25 5.22 -20.71
C ARG A 971 6.94 4.71 -22.11
N ILE A 972 6.72 3.41 -22.25
CA ILE A 972 6.47 2.83 -23.57
C ILE A 972 5.11 3.30 -24.10
N SER A 973 4.13 3.44 -23.22
CA SER A 973 2.82 3.93 -23.66
C SER A 973 2.93 5.31 -24.29
N SER A 974 3.89 6.12 -23.85
CA SER A 974 4.09 7.45 -24.42
C SER A 974 4.97 7.43 -25.67
N SER A 975 5.50 6.27 -26.05
CA SER A 975 6.31 6.17 -27.26
C SER A 975 5.49 6.23 -28.54
N PHE A 976 4.16 6.20 -28.44
CA PHE A 976 3.27 6.18 -29.60
C PHE A 976 2.24 7.28 -29.43
N PRO A 977 2.61 8.53 -29.66
CA PRO A 977 1.63 9.63 -29.57
C PRO A 977 0.51 9.52 -30.59
N GLU A 978 0.72 8.78 -31.68
CA GLU A 978 -0.28 8.61 -32.72
C GLU A 978 -1.28 7.50 -32.43
N LEU A 979 -1.08 6.75 -31.35
CA LEU A 979 -1.96 5.65 -30.97
C LEU A 979 -2.69 5.99 -29.67
N ASP A 980 -3.98 5.68 -29.62
CA ASP A 980 -4.76 5.74 -28.38
C ASP A 980 -4.57 4.41 -27.67
N MET A 981 -3.44 4.29 -26.98
CA MET A 981 -2.99 3.01 -26.46
C MET A 981 -2.45 3.18 -25.04
N PHE A 982 -2.53 2.09 -24.27
CA PHE A 982 -1.94 2.04 -22.95
C PHE A 982 -1.51 0.61 -22.64
N ALA A 983 -0.60 0.47 -21.69
CA ALA A 983 -0.10 -0.82 -21.25
C ALA A 983 -0.79 -1.21 -19.95
N TYR A 984 -1.26 -2.45 -19.88
CA TYR A 984 -1.95 -2.96 -18.70
C TYR A 984 -1.18 -4.13 -18.12
N SER A 985 -1.00 -4.11 -16.80
CA SER A 985 -0.51 -5.25 -16.05
C SER A 985 -1.31 -5.33 -14.75
N PRO A 986 -1.57 -6.54 -14.25
CA PRO A 986 -2.40 -6.65 -13.04
C PRO A 986 -1.81 -5.93 -11.83
N PHE A 987 -0.49 -5.80 -11.73
CA PHE A 987 0.13 -5.18 -10.57
C PHE A 987 0.29 -3.67 -10.71
N TYR A 988 -0.04 -3.11 -11.87
CA TYR A 988 0.21 -1.69 -12.10
C TYR A 988 -0.59 -0.81 -11.14
N ILE A 989 -1.82 -1.22 -10.82
CA ILE A 989 -2.66 -0.39 -9.97
C ILE A 989 -2.03 -0.18 -8.60
N PHE A 990 -1.21 -1.12 -8.14
CA PHE A 990 -0.62 -1.06 -6.82
C PHE A 990 0.68 -0.29 -6.76
N PHE A 991 1.19 0.20 -7.90
CA PHE A 991 2.47 0.90 -7.94
C PHE A 991 2.33 2.26 -8.62
N VAL A 992 1.12 2.82 -8.61
CA VAL A 992 0.90 4.13 -9.21
C VAL A 992 1.62 5.21 -8.41
N GLN A 993 1.66 5.07 -7.08
CA GLN A 993 2.18 6.13 -6.23
C GLN A 993 3.65 6.41 -6.51
N TYR A 994 4.44 5.37 -6.74
CA TYR A 994 5.89 5.53 -6.81
C TYR A 994 6.34 6.34 -8.01
N GLN A 995 5.49 6.48 -9.03
CA GLN A 995 5.87 7.28 -10.19
C GLN A 995 6.10 8.74 -9.81
N THR A 996 5.37 9.25 -8.81
CA THR A 996 5.48 10.64 -8.39
C THR A 996 5.66 10.76 -6.89
N LEU A 997 6.10 9.69 -6.21
CA LEU A 997 6.19 9.72 -4.76
C LEU A 997 7.20 10.75 -4.28
N GLY A 998 8.37 10.80 -4.91
CA GLY A 998 9.43 11.69 -4.49
C GLY A 998 9.02 13.15 -4.54
N PRO A 999 8.53 13.59 -5.70
CA PRO A 999 8.01 14.96 -5.79
C PRO A 999 6.87 15.23 -4.82
N LEU A 1000 6.00 14.25 -4.59
CA LEU A 1000 4.92 14.41 -3.64
C LEU A 1000 5.45 14.53 -2.22
N THR A 1001 6.47 13.75 -1.88
CA THR A 1001 7.06 13.83 -0.56
C THR A 1001 7.64 15.22 -0.30
N LEU A 1002 8.37 15.77 -1.27
CA LEU A 1002 8.90 17.12 -1.12
C LEU A 1002 7.79 18.15 -1.00
N LYS A 1003 6.72 17.98 -1.78
CA LYS A 1003 5.63 18.94 -1.77
C LYS A 1003 4.84 18.87 -0.47
N LEU A 1004 4.49 17.67 -0.02
CA LEU A 1004 3.64 17.53 1.16
C LEU A 1004 4.40 17.89 2.43
N ILE A 1005 5.62 17.37 2.58
CA ILE A 1005 6.43 17.73 3.74
C ILE A 1005 6.80 19.20 3.69
N GLY A 1006 7.16 19.71 2.50
CA GLY A 1006 7.41 21.12 2.37
C GLY A 1006 6.21 21.96 2.73
N SER A 1007 5.02 21.55 2.27
CA SER A 1007 3.81 22.27 2.63
C SER A 1007 3.56 22.23 4.14
N ALA A 1008 3.84 21.09 4.77
CA ALA A 1008 3.64 20.97 6.21
C ALA A 1008 4.54 21.94 6.97
N ILE A 1009 5.80 22.07 6.55
CA ILE A 1009 6.74 22.93 7.27
C ILE A 1009 6.36 24.39 7.11
N ILE A 1010 5.93 24.79 5.91
CA ILE A 1010 5.50 26.18 5.72
C ILE A 1010 4.20 26.44 6.48
N LEU A 1011 3.34 25.44 6.60
CA LEU A 1011 2.15 25.59 7.43
C LEU A 1011 2.52 25.81 8.88
N ILE A 1012 3.55 25.11 9.37
CA ILE A 1012 4.04 25.35 10.72
C ILE A 1012 4.47 26.80 10.88
N PHE A 1013 5.16 27.35 9.88
CA PHE A 1013 5.67 28.70 9.98
C PHE A 1013 4.53 29.71 10.11
N PHE A 1014 3.46 29.55 9.31
CA PHE A 1014 2.36 30.51 9.37
C PHE A 1014 1.53 30.32 10.64
N ILE A 1015 1.22 29.07 11.00
CA ILE A 1015 0.48 28.84 12.24
C ILE A 1015 1.29 29.32 13.43
N SER A 1016 2.59 29.02 13.46
CA SER A 1016 3.43 29.48 14.55
C SER A 1016 3.50 31.00 14.59
N SER A 1017 3.61 31.64 13.44
CA SER A 1017 3.72 33.10 13.40
C SER A 1017 2.46 33.76 13.96
N VAL A 1018 1.29 33.22 13.61
CA VAL A 1018 0.04 33.82 14.09
C VAL A 1018 -0.03 33.77 15.62
N PHE A 1019 0.36 32.63 16.21
CA PHE A 1019 0.26 32.47 17.65
C PHE A 1019 1.47 33.06 18.36
N LEU A 1020 2.68 32.65 17.96
CA LEU A 1020 3.88 33.18 18.61
C LEU A 1020 4.01 34.68 18.40
N GLN A 1021 3.48 35.19 17.29
CA GLN A 1021 3.58 36.62 16.96
C GLN A 1021 5.03 37.07 16.93
N ASN A 1022 5.94 36.16 16.60
CA ASN A 1022 7.37 36.45 16.53
C ASN A 1022 7.94 35.60 15.41
N ILE A 1023 8.16 36.20 14.24
CA ILE A 1023 8.60 35.44 13.08
C ILE A 1023 9.94 34.77 13.36
N ARG A 1024 10.82 35.44 14.10
CA ARG A 1024 12.10 34.86 14.42
C ARG A 1024 11.95 33.54 15.17
N SER A 1025 11.16 33.54 16.24
CA SER A 1025 10.91 32.30 16.97
C SER A 1025 10.17 31.29 16.10
N SER A 1026 9.20 31.75 15.33
CA SER A 1026 8.48 30.85 14.43
C SER A 1026 9.41 30.25 13.39
N PHE A 1027 10.33 31.06 12.85
CA PHE A 1027 11.28 30.54 11.87
C PHE A 1027 12.19 29.49 12.49
N LEU A 1028 12.72 29.75 13.69
CA LEU A 1028 13.57 28.78 14.35
C LEU A 1028 12.81 27.51 14.68
N LEU A 1029 11.56 27.64 15.11
CA LEU A 1029 10.73 26.47 15.36
C LEU A 1029 10.55 25.66 14.07
N ALA A 1030 10.23 26.33 12.97
CA ALA A 1030 10.13 25.64 11.69
C ALA A 1030 11.48 25.10 11.25
N LEU A 1031 12.55 25.86 11.49
CA LEU A 1031 13.88 25.39 11.13
C LEU A 1031 14.24 24.12 11.88
N VAL A 1032 13.98 24.09 13.19
CA VAL A 1032 14.31 22.91 13.99
C VAL A 1032 13.46 21.72 13.56
N VAL A 1033 12.18 21.98 13.23
CA VAL A 1033 11.32 20.90 12.77
C VAL A 1033 11.85 20.32 11.47
N THR A 1034 12.36 21.18 10.59
CA THR A 1034 12.95 20.70 9.34
C THR A 1034 14.13 19.79 9.62
N MET A 1035 14.99 20.16 10.57
CA MET A 1035 16.13 19.33 10.92
C MET A 1035 15.68 17.97 11.47
N ILE A 1036 14.65 17.97 12.31
CA ILE A 1036 14.13 16.71 12.83
C ILE A 1036 13.63 15.83 11.70
N ILE A 1037 12.86 16.41 10.77
CA ILE A 1037 12.31 15.63 9.67
C ILE A 1037 13.42 15.17 8.73
N VAL A 1038 14.38 16.05 8.44
CA VAL A 1038 15.50 15.66 7.59
C VAL A 1038 16.30 14.55 8.25
N ASP A 1039 16.55 14.68 9.56
CA ASP A 1039 17.29 13.63 10.26
C ASP A 1039 16.50 12.33 10.27
N ILE A 1040 15.18 12.41 10.45
CA ILE A 1040 14.35 11.21 10.40
C ILE A 1040 14.40 10.58 9.01
N GLY A 1041 14.35 11.41 7.97
CA GLY A 1041 14.45 10.89 6.62
C GLY A 1041 15.77 10.18 6.38
N ALA A 1042 16.88 10.75 6.85
CA ALA A 1042 18.16 10.09 6.73
C ALA A 1042 18.19 8.80 7.55
N LEU A 1043 17.59 8.82 8.74
CA LEU A 1043 17.52 7.61 9.55
C LEU A 1043 16.62 6.57 8.92
N MET A 1044 15.61 6.99 8.15
CA MET A 1044 14.82 6.02 7.40
C MET A 1044 15.70 5.25 6.43
N ALA A 1045 16.60 5.94 5.73
CA ALA A 1045 17.54 5.26 4.84
C ALA A 1045 18.45 4.33 5.63
N LEU A 1046 18.97 4.80 6.77
CA LEU A 1046 19.87 3.98 7.56
C LEU A 1046 19.12 2.85 8.27
N LEU A 1047 17.89 3.12 8.70
CA LEU A 1047 17.10 2.11 9.39
C LEU A 1047 16.36 1.17 8.46
N GLY A 1048 16.51 1.35 7.15
CA GLY A 1048 15.84 0.48 6.19
C GLY A 1048 14.33 0.62 6.18
N ILE A 1049 13.83 1.84 6.27
CA ILE A 1049 12.41 2.12 6.18
C ILE A 1049 12.16 2.74 4.81
N SER A 1050 11.45 2.01 3.95
CA SER A 1050 11.20 2.48 2.60
C SER A 1050 10.16 3.60 2.59
N LEU A 1051 10.17 4.39 1.52
CA LEU A 1051 9.24 5.49 1.34
C LEU A 1051 8.05 5.02 0.52
N ASN A 1052 6.85 5.18 1.06
CA ASN A 1052 5.62 4.81 0.38
C ASN A 1052 4.51 5.69 0.94
N ALA A 1053 3.26 5.34 0.60
CA ALA A 1053 2.13 6.14 1.08
C ALA A 1053 2.04 6.11 2.60
N VAL A 1054 2.27 4.94 3.20
CA VAL A 1054 2.22 4.84 4.66
C VAL A 1054 3.35 5.64 5.29
N SER A 1055 4.58 5.47 4.78
CA SER A 1055 5.72 6.19 5.34
C SER A 1055 5.58 7.69 5.15
N LEU A 1056 5.09 8.12 3.99
CA LEU A 1056 4.94 9.55 3.73
C LEU A 1056 3.97 10.19 4.70
N VAL A 1057 2.84 9.55 4.96
CA VAL A 1057 1.87 10.09 5.90
C VAL A 1057 2.43 10.04 7.32
N ASN A 1058 3.10 8.95 7.68
CA ASN A 1058 3.75 8.87 8.98
C ASN A 1058 4.80 9.97 9.14
N LEU A 1059 5.57 10.21 8.08
CA LEU A 1059 6.55 11.29 8.12
C LEU A 1059 5.88 12.65 8.17
N ILE A 1060 4.72 12.80 7.51
CA ILE A 1060 3.96 14.03 7.63
C ILE A 1060 3.42 14.18 9.06
N ILE A 1061 3.04 13.07 9.68
CA ILE A 1061 2.62 13.12 11.08
C ILE A 1061 3.81 13.45 11.97
N CYS A 1062 4.99 12.92 11.64
CA CYS A 1062 6.19 13.27 12.39
C CYS A 1062 6.41 14.78 12.41
N VAL A 1063 6.00 15.47 11.35
CA VAL A 1063 6.09 16.93 11.32
C VAL A 1063 5.23 17.53 12.43
N GLY A 1064 3.99 17.06 12.55
CA GLY A 1064 3.13 17.53 13.61
C GLY A 1064 3.60 17.10 14.99
N LEU A 1065 4.07 15.85 15.09
CA LEU A 1065 4.56 15.37 16.38
C LEU A 1065 5.78 16.17 16.83
N GLY A 1066 6.70 16.46 15.91
CA GLY A 1066 7.87 17.23 16.27
C GLY A 1066 7.53 18.63 16.76
N VAL A 1067 6.48 19.24 16.21
CA VAL A 1067 6.08 20.57 16.64
C VAL A 1067 5.69 20.56 18.11
N GLU A 1068 4.95 19.53 18.53
CA GLU A 1068 4.53 19.44 19.92
C GLU A 1068 5.73 19.33 20.86
N PHE A 1069 6.83 18.73 20.39
CA PHE A 1069 8.04 18.65 21.21
C PHE A 1069 8.66 20.02 21.45
N CYS A 1070 8.52 20.93 20.49
CA CYS A 1070 9.22 22.21 20.53
C CYS A 1070 8.32 23.41 20.79
N VAL A 1071 7.00 23.27 20.64
CA VAL A 1071 6.11 24.42 20.72
C VAL A 1071 6.15 25.04 22.10
N HIS A 1072 6.09 24.22 23.15
CA HIS A 1072 6.04 24.76 24.51
C HIS A 1072 7.38 25.38 24.89
N ILE A 1073 8.48 24.80 24.43
CA ILE A 1073 9.80 25.38 24.73
C ILE A 1073 9.96 26.72 24.02
N VAL A 1074 9.51 26.81 22.76
CA VAL A 1074 9.65 28.06 22.02
C VAL A 1074 8.72 29.12 22.58
N ARG A 1075 7.49 28.74 22.92
CA ARG A 1075 6.52 29.73 23.40
C ARG A 1075 6.90 30.25 24.78
N SER A 1076 7.40 29.38 25.65
CA SER A 1076 7.81 29.83 26.98
C SER A 1076 9.02 30.77 26.88
N PHE A 1077 9.92 30.49 25.93
CA PHE A 1077 11.02 31.43 25.68
C PHE A 1077 10.49 32.75 25.17
N THR A 1078 9.50 32.71 24.27
CA THR A 1078 8.98 33.94 23.68
C THR A 1078 8.23 34.78 24.70
N VAL A 1079 7.40 34.14 25.52
CA VAL A 1079 6.60 34.83 26.52
C VAL A 1079 7.13 34.45 27.90
N VAL A 1080 7.62 35.44 28.63
CA VAL A 1080 8.12 35.23 29.99
C VAL A 1080 7.53 36.29 30.91
N PRO A 1081 7.35 36.00 32.19
CA PRO A 1081 6.84 37.03 33.10
C PRO A 1081 7.83 38.17 33.27
N SER A 1082 7.28 39.36 33.54
CA SER A 1082 8.12 40.54 33.71
C SER A 1082 9.14 40.38 34.83
N GLU A 1083 8.86 39.49 35.80
CA GLU A 1083 9.80 39.29 36.89
C GLU A 1083 11.15 38.77 36.38
N THR A 1084 11.12 37.81 35.47
CA THR A 1084 12.35 37.25 34.92
C THR A 1084 13.03 38.23 33.99
N LYS A 1085 14.36 38.15 33.94
CA LYS A 1085 15.12 39.01 33.04
C LYS A 1085 14.80 38.68 31.58
N LYS A 1086 14.85 39.70 30.73
CA LYS A 1086 14.53 39.54 29.32
C LYS A 1086 15.71 39.03 28.50
N ASP A 1087 16.85 38.76 29.13
CA ASP A 1087 18.00 38.25 28.39
C ASP A 1087 17.66 36.93 27.71
N ALA A 1088 18.24 36.73 26.53
CA ALA A 1088 17.95 35.52 25.76
C ALA A 1088 18.36 34.27 26.54
N ASN A 1089 19.52 34.30 27.17
CA ASN A 1089 19.95 33.16 27.98
C ASN A 1089 18.98 32.92 29.14
N SER A 1090 18.53 34.01 29.78
CA SER A 1090 17.56 33.87 30.86
C SER A 1090 16.24 33.30 30.36
N ARG A 1091 15.78 33.76 29.19
CA ARG A 1091 14.50 33.28 28.66
C ARG A 1091 14.56 31.79 28.38
N VAL A 1092 15.66 31.30 27.82
CA VAL A 1092 15.79 29.87 27.56
C VAL A 1092 15.81 29.09 28.87
N LEU A 1093 16.48 29.64 29.89
CA LEU A 1093 16.52 28.96 31.19
C LEU A 1093 15.14 28.91 31.81
N TYR A 1094 14.44 30.05 31.84
CA TYR A 1094 13.09 30.06 32.41
C TYR A 1094 12.17 29.10 31.67
N SER A 1095 12.34 29.00 30.35
CA SER A 1095 11.56 28.04 29.58
C SER A 1095 11.85 26.61 30.03
N LEU A 1096 13.12 26.28 30.25
CA LEU A 1096 13.47 24.92 30.64
C LEU A 1096 13.11 24.65 32.09
N ASN A 1097 13.03 25.69 32.92
CA ASN A 1097 12.64 25.55 34.32
C ASN A 1097 11.13 25.62 34.52
N THR A 1098 10.37 25.76 33.44
CA THR A 1098 8.92 25.84 33.50
C THR A 1098 8.23 24.63 32.89
N ILE A 1099 8.56 24.28 31.65
CA ILE A 1099 7.89 23.20 30.94
C ILE A 1099 8.86 22.12 30.50
N GLY A 1100 10.14 22.21 30.85
CA GLY A 1100 11.06 21.14 30.52
C GLY A 1100 10.64 19.81 31.10
N GLU A 1101 10.15 19.82 32.35
CA GLU A 1101 9.61 18.61 32.95
C GLU A 1101 8.36 18.16 32.21
N SER A 1102 7.48 19.09 31.84
CA SER A 1102 6.26 18.73 31.12
C SER A 1102 6.58 18.11 29.77
N VAL A 1103 7.58 18.64 29.07
CA VAL A 1103 7.98 18.07 27.79
C VAL A 1103 8.44 16.61 27.98
N ILE A 1104 9.19 16.35 29.05
CA ILE A 1104 9.63 14.99 29.32
C ILE A 1104 8.45 14.11 29.73
N LYS A 1105 7.76 14.51 30.79
CA LYS A 1105 6.68 13.67 31.33
C LYS A 1105 5.45 13.69 30.42
N GLY A 1106 5.05 14.88 29.97
CA GLY A 1106 3.79 15.02 29.28
C GLY A 1106 3.82 14.85 27.78
N ILE A 1107 5.00 14.80 27.18
CA ILE A 1107 5.11 14.67 25.73
C ILE A 1107 6.01 13.49 25.36
N THR A 1108 7.23 13.48 25.87
CA THR A 1108 8.20 12.47 25.44
C THR A 1108 7.81 11.08 25.96
N LEU A 1109 7.74 10.91 27.28
CA LEU A 1109 7.48 9.60 27.84
C LEU A 1109 6.11 9.08 27.42
N THR A 1110 5.10 9.94 27.42
CA THR A 1110 3.76 9.51 27.06
C THR A 1110 3.69 9.07 25.60
N LYS A 1111 4.44 9.74 24.71
CA LYS A 1111 4.48 9.32 23.32
C LYS A 1111 5.06 7.92 23.19
N PHE A 1112 6.13 7.63 23.91
CA PHE A 1112 6.79 6.33 23.80
C PHE A 1112 5.85 5.20 24.23
N ILE A 1113 5.15 5.39 25.35
CA ILE A 1113 4.27 4.34 25.85
C ILE A 1113 3.16 4.05 24.85
N GLY A 1114 2.66 5.09 24.18
CA GLY A 1114 1.57 4.90 23.25
C GLY A 1114 1.92 4.00 22.08
N VAL A 1115 3.13 4.18 21.53
CA VAL A 1115 3.53 3.50 20.29
C VAL A 1115 4.52 2.37 20.54
N CYS A 1116 4.92 2.13 21.79
CA CYS A 1116 5.95 1.13 22.04
C CYS A 1116 5.49 -0.26 21.61
N VAL A 1117 4.22 -0.60 21.88
CA VAL A 1117 3.73 -1.94 21.58
C VAL A 1117 3.51 -2.17 20.09
N LEU A 1118 3.56 -1.11 19.27
CA LEU A 1118 3.51 -1.31 17.83
C LEU A 1118 4.71 -2.11 17.33
N ALA A 1119 5.82 -2.12 18.08
CA ALA A 1119 6.97 -2.91 17.69
C ALA A 1119 6.63 -4.39 17.66
N PHE A 1120 5.64 -4.83 18.44
CA PHE A 1120 5.25 -6.22 18.54
C PHE A 1120 3.99 -6.53 17.75
N ALA A 1121 3.63 -5.67 16.79
CA ALA A 1121 2.44 -5.92 15.99
C ALA A 1121 2.61 -7.19 15.16
N GLN A 1122 1.49 -7.86 14.91
CA GLN A 1122 1.53 -9.10 14.15
C GLN A 1122 2.03 -8.87 12.73
N SER A 1123 1.60 -7.77 12.12
CA SER A 1123 2.09 -7.38 10.80
C SER A 1123 3.24 -6.39 10.96
N LYS A 1124 4.36 -6.69 10.30
CA LYS A 1124 5.58 -5.91 10.49
C LYS A 1124 5.46 -4.49 9.95
N ILE A 1125 4.46 -4.20 9.11
CA ILE A 1125 4.27 -2.83 8.65
C ILE A 1125 4.06 -1.89 9.81
N PHE A 1126 3.26 -2.30 10.80
CA PHE A 1126 2.98 -1.46 11.95
C PHE A 1126 4.20 -1.31 12.86
N ASP A 1127 5.24 -2.10 12.67
CA ASP A 1127 6.50 -1.94 13.39
C ASP A 1127 7.55 -1.20 12.56
N VAL A 1128 7.69 -1.57 11.28
CA VAL A 1128 8.71 -0.96 10.43
C VAL A 1128 8.33 0.47 10.09
N PHE A 1129 7.06 0.72 9.77
CA PHE A 1129 6.65 1.99 9.21
C PHE A 1129 5.93 2.91 10.20
N TYR A 1130 5.53 2.39 11.36
CA TYR A 1130 4.88 3.20 12.39
C TYR A 1130 5.73 3.31 13.64
N PHE A 1131 6.12 2.19 14.25
CA PHE A 1131 6.90 2.26 15.48
C PHE A 1131 8.31 2.81 15.22
N ARG A 1132 8.99 2.29 14.21
CA ARG A 1132 10.37 2.71 13.96
C ARG A 1132 10.43 4.18 13.59
N MET A 1133 9.48 4.66 12.81
CA MET A 1133 9.46 6.07 12.45
C MET A 1133 9.08 6.94 13.63
N TRP A 1134 8.05 6.54 14.39
CA TRP A 1134 7.60 7.34 15.51
C TRP A 1134 8.53 7.21 16.72
N PHE A 1135 9.10 6.03 16.94
CA PHE A 1135 10.12 5.91 17.98
C PHE A 1135 11.34 6.78 17.66
N THR A 1136 11.77 6.78 16.40
CA THR A 1136 12.87 7.65 16.00
C THR A 1136 12.48 9.11 16.12
N LEU A 1137 11.22 9.44 15.81
CA LEU A 1137 10.76 10.82 15.95
C LEU A 1137 10.91 11.30 17.39
N ILE A 1138 10.53 10.47 18.36
CA ILE A 1138 10.57 10.88 19.75
C ILE A 1138 12.01 11.17 20.18
N ILE A 1139 12.94 10.30 19.81
CA ILE A 1139 14.33 10.51 20.19
C ILE A 1139 14.90 11.74 19.48
N VAL A 1140 14.70 11.84 18.17
CA VAL A 1140 15.25 12.95 17.41
C VAL A 1140 14.60 14.26 17.84
N ALA A 1141 13.27 14.26 17.98
CA ALA A 1141 12.57 15.48 18.37
C ALA A 1141 12.96 15.91 19.78
N ALA A 1142 13.04 14.96 20.70
CA ALA A 1142 13.42 15.29 22.07
C ALA A 1142 14.83 15.86 22.13
N LEU A 1143 15.76 15.27 21.40
CA LEU A 1143 17.13 15.77 21.37
C LEU A 1143 17.18 17.19 20.81
N HIS A 1144 16.44 17.43 19.73
CA HIS A 1144 16.41 18.78 19.14
C HIS A 1144 15.69 19.76 20.05
N ALA A 1145 14.62 19.30 20.71
CA ALA A 1145 13.83 20.20 21.56
C ALA A 1145 14.53 20.49 22.88
N LEU A 1146 15.31 19.54 23.40
CA LEU A 1146 15.90 19.68 24.73
C LEU A 1146 17.35 20.12 24.72
N LEU A 1147 18.09 19.89 23.64
CA LEU A 1147 19.50 20.26 23.56
C LEU A 1147 19.75 21.33 22.51
N PHE A 1148 19.35 21.10 21.26
CA PHE A 1148 19.63 22.07 20.21
C PHE A 1148 18.77 23.32 20.35
N LEU A 1149 17.47 23.13 20.58
CA LEU A 1149 16.56 24.27 20.62
C LEU A 1149 16.95 25.27 21.70
N PRO A 1150 17.27 24.86 22.94
CA PRO A 1150 17.79 25.85 23.89
C PRO A 1150 19.04 26.56 23.39
N ALA A 1151 19.95 25.85 22.74
CA ALA A 1151 21.13 26.49 22.18
C ALA A 1151 20.77 27.40 21.01
N LEU A 1152 19.82 26.96 20.16
CA LEU A 1152 19.39 27.77 19.04
C LEU A 1152 18.57 28.98 19.47
N LEU A 1153 18.07 28.99 20.71
CA LEU A 1153 17.34 30.14 21.22
C LEU A 1153 18.24 31.14 21.93
N SER A 1154 19.20 30.65 22.71
CA SER A 1154 20.14 31.56 23.37
C SER A 1154 20.94 32.35 22.34
N LEU A 1155 21.42 31.68 21.30
CA LEU A 1155 22.05 32.34 20.17
C LEU A 1155 21.03 32.43 19.03
N PHE A 1156 21.02 33.57 18.35
CA PHE A 1156 20.03 33.83 17.31
C PHE A 1156 18.64 33.96 17.91
#